data_3LM8
#
_entry.id   3LM8
#
_cell.length_a   48.943
_cell.length_b   62.153
_cell.length_c   84.161
_cell.angle_alpha   82.89
_cell.angle_beta   82.02
_cell.angle_gamma   87.61
#
_symmetry.space_group_name_H-M   'P 1'
#
loop_
_entity.id
_entity.type
_entity.pdbx_description
1 polymer 'Thiamine pyrophosphokinase'
2 non-polymer 3-(4-AMINO-2-METHYL-PYRIMIDIN-5-YLMETHYL)-5-(2-HYDROXY-ETHYL)-4-METHYL-THIAZOL-3-IUM
3 non-polymer 'PHOSPHATE ION'
4 non-polymer 'MAGNESIUM ION'
5 water water
#
_entity_poly.entity_id   1
_entity_poly.type   'polypeptide(L)'
_entity_poly.pdbx_seq_one_letter_code
;(MSE)KTINIVAGGPKNLIPDLTGYTDEHTLWIGVDKGTVTLLDAGIIPVEAFGDFDSITEQERRRIEKAAPALHVYQAE
KDQTDLDLALDWALEKQPDIIQIFGITGGRADHFLGNIQLLYKGVKTNIKIRLIDKQNHIQ(MSE)FPPGEYDIEKDENK
RYISFIPFSEDIHELTLTGFKYPLNNCHITLGSTLCISNELIHSRGTFSFVKGILI(MSE)IRSTDLEHHHHHH
;
_entity_poly.pdbx_strand_id   A,B,C,D
#
# COMPACT_ATOMS: atom_id res chain seq x y z
N LYS A 2 -10.68 -12.99 -10.41
CA LYS A 2 -12.05 -12.69 -9.93
C LYS A 2 -12.31 -11.18 -10.01
N THR A 3 -13.57 -10.80 -9.88
CA THR A 3 -13.94 -9.39 -9.95
C THR A 3 -14.68 -8.89 -8.71
N ILE A 4 -14.41 -7.64 -8.35
CA ILE A 4 -15.11 -7.05 -7.22
C ILE A 4 -15.80 -5.78 -7.70
N ASN A 5 -17.10 -5.67 -7.43
CA ASN A 5 -17.86 -4.48 -7.82
C ASN A 5 -18.37 -3.78 -6.58
N ILE A 6 -18.07 -2.48 -6.50
CA ILE A 6 -18.45 -1.65 -5.38
C ILE A 6 -19.45 -0.61 -5.87
N VAL A 7 -20.57 -0.48 -5.15
CA VAL A 7 -21.57 0.51 -5.51
C VAL A 7 -21.64 1.56 -4.40
N ALA A 8 -21.07 2.73 -4.68
CA ALA A 8 -21.07 3.84 -3.72
C ALA A 8 -22.46 4.44 -3.67
N GLY A 9 -22.69 5.37 -2.75
CA GLY A 9 -24.02 5.94 -2.60
C GLY A 9 -24.39 7.18 -3.37
N GLY A 10 -24.03 7.24 -4.65
CA GLY A 10 -24.36 8.39 -5.47
C GLY A 10 -25.79 8.23 -5.96
N PRO A 11 -26.36 9.23 -6.66
CA PRO A 11 -27.73 9.10 -7.16
C PRO A 11 -27.89 7.93 -8.14
N LYS A 12 -28.94 7.15 -7.97
CA LYS A 12 -29.22 5.98 -8.80
C LYS A 12 -29.36 6.21 -10.30
N ASN A 13 -29.84 7.39 -10.68
CA ASN A 13 -30.06 7.69 -12.10
C ASN A 13 -28.77 7.81 -12.93
N LEU A 14 -27.65 8.04 -12.28
CA LEU A 14 -26.39 8.15 -12.99
C LEU A 14 -25.70 6.79 -13.07
N ILE A 15 -26.31 5.79 -12.45
CA ILE A 15 -25.77 4.43 -12.41
C ILE A 15 -26.40 3.51 -13.46
N PRO A 16 -25.57 2.69 -14.12
CA PRO A 16 -25.99 1.74 -15.16
C PRO A 16 -26.73 0.55 -14.60
N ASP A 17 -27.16 -0.32 -15.49
CA ASP A 17 -27.82 -1.55 -15.10
C ASP A 17 -26.71 -2.39 -14.46
N LEU A 18 -26.91 -2.77 -13.20
CA LEU A 18 -25.90 -3.57 -12.54
C LEU A 18 -26.08 -5.04 -12.93
N THR A 19 -27.34 -5.45 -13.08
CA THR A 19 -27.71 -6.82 -13.44
C THR A 19 -26.76 -7.47 -14.44
N GLY A 20 -26.58 -6.84 -15.60
CA GLY A 20 -25.71 -7.38 -16.62
C GLY A 20 -24.26 -7.50 -16.24
N TYR A 21 -23.91 -6.95 -15.08
CA TYR A 21 -22.55 -7.00 -14.57
C TYR A 21 -22.39 -8.17 -13.60
N THR A 22 -23.48 -8.87 -13.34
CA THR A 22 -23.45 -10.01 -12.43
C THR A 22 -22.87 -11.24 -13.13
N ASP A 23 -21.99 -11.94 -12.43
CA ASP A 23 -21.33 -13.13 -12.95
C ASP A 23 -20.84 -13.98 -11.79
N GLU A 24 -20.58 -15.26 -12.04
CA GLU A 24 -20.12 -16.18 -11.00
C GLU A 24 -18.78 -15.80 -10.35
N HIS A 25 -17.99 -14.96 -11.03
CA HIS A 25 -16.70 -14.56 -10.46
C HIS A 25 -16.66 -13.06 -10.17
N THR A 26 -17.79 -12.54 -9.72
CA THR A 26 -17.91 -11.13 -9.40
C THR A 26 -18.64 -10.97 -8.07
N LEU A 27 -17.92 -10.56 -7.03
CA LEU A 27 -18.50 -10.32 -5.70
C LEU A 27 -18.92 -8.87 -5.64
N TRP A 28 -19.97 -8.61 -4.88
CA TRP A 28 -20.46 -7.25 -4.71
C TRP A 28 -20.37 -6.75 -3.27
N ILE A 29 -20.21 -5.44 -3.13
CA ILE A 29 -20.16 -4.82 -1.82
C ILE A 29 -20.84 -3.48 -1.95
N GLY A 30 -21.60 -3.10 -0.91
CA GLY A 30 -22.31 -1.84 -0.93
C GLY A 30 -21.68 -0.81 0.00
N VAL A 31 -21.69 0.44 -0.44
CA VAL A 31 -21.12 1.54 0.32
C VAL A 31 -22.19 2.62 0.41
N ASP A 32 -22.52 3.03 1.64
CA ASP A 32 -23.54 4.06 1.83
C ASP A 32 -24.84 3.64 1.16
N LYS A 33 -25.61 4.62 0.70
CA LYS A 33 -26.88 4.38 0.01
C LYS A 33 -26.72 3.27 -1.03
N GLY A 34 -25.47 3.11 -1.48
CA GLY A 34 -25.15 2.12 -2.49
C GLY A 34 -25.65 0.74 -2.17
N THR A 35 -25.50 0.29 -0.93
CA THR A 35 -25.99 -1.03 -0.60
C THR A 35 -27.51 -1.05 -0.82
N VAL A 36 -28.17 0.08 -0.57
CA VAL A 36 -29.61 0.17 -0.80
C VAL A 36 -29.86 -0.05 -2.30
N THR A 37 -29.07 0.62 -3.13
CA THR A 37 -29.19 0.50 -4.58
C THR A 37 -29.05 -0.94 -5.03
N LEU A 38 -28.13 -1.66 -4.40
CA LEU A 38 -27.90 -3.06 -4.75
C LEU A 38 -29.15 -3.91 -4.52
N LEU A 39 -29.80 -3.69 -3.39
CA LEU A 39 -30.99 -4.44 -3.04
C LEU A 39 -32.11 -4.19 -4.02
N ASP A 40 -32.26 -2.95 -4.44
CA ASP A 40 -33.33 -2.63 -5.38
C ASP A 40 -33.13 -3.41 -6.68
N ALA A 41 -31.88 -3.52 -7.12
CA ALA A 41 -31.54 -4.22 -8.34
C ALA A 41 -31.64 -5.73 -8.18
N GLY A 42 -31.57 -6.21 -6.96
CA GLY A 42 -31.69 -7.64 -6.74
C GLY A 42 -30.38 -8.29 -6.37
N ILE A 43 -29.36 -7.47 -6.19
CA ILE A 43 -28.04 -7.97 -5.83
C ILE A 43 -27.85 -7.73 -4.34
N ILE A 44 -27.32 -8.74 -3.67
CA ILE A 44 -27.05 -8.66 -2.24
C ILE A 44 -25.54 -8.52 -2.06
N PRO A 45 -25.10 -7.53 -1.27
CA PRO A 45 -23.68 -7.31 -1.03
C PRO A 45 -23.13 -8.42 -0.11
N VAL A 46 -21.84 -8.75 -0.22
CA VAL A 46 -21.26 -9.76 0.65
C VAL A 46 -20.91 -9.00 1.91
N GLU A 47 -20.44 -7.78 1.73
CA GLU A 47 -20.09 -6.90 2.84
C GLU A 47 -20.71 -5.55 2.51
N ALA A 48 -20.67 -4.63 3.48
CA ALA A 48 -21.20 -3.29 3.30
C ALA A 48 -20.38 -2.34 4.17
N PHE A 49 -20.03 -1.19 3.62
CA PHE A 49 -19.23 -0.20 4.35
C PHE A 49 -19.95 1.14 4.54
N GLY A 50 -19.69 1.77 5.67
CA GLY A 50 -20.31 3.06 5.96
C GLY A 50 -21.27 2.97 7.12
N ASP A 51 -22.02 4.04 7.35
CA ASP A 51 -23.00 4.06 8.43
C ASP A 51 -24.38 4.24 7.82
N PHE A 52 -25.37 4.42 8.68
CA PHE A 52 -26.73 4.58 8.20
C PHE A 52 -27.27 5.99 8.28
N ASP A 53 -26.50 6.95 8.77
CA ASP A 53 -27.07 8.29 8.90
C ASP A 53 -27.56 8.88 7.60
N SER A 54 -27.30 8.18 6.50
CA SER A 54 -27.74 8.66 5.20
C SER A 54 -28.91 7.83 4.66
N ILE A 55 -29.08 6.61 5.19
CA ILE A 55 -30.18 5.75 4.75
C ILE A 55 -31.41 5.98 5.63
N THR A 56 -32.59 5.71 5.07
CA THR A 56 -33.85 5.90 5.79
C THR A 56 -34.27 4.79 6.74
N GLU A 57 -35.11 5.17 7.70
CA GLU A 57 -35.68 4.27 8.70
C GLU A 57 -36.15 3.00 8.03
N GLN A 58 -37.09 3.13 7.11
CA GLN A 58 -37.62 1.98 6.40
C GLN A 58 -36.46 1.27 5.67
N GLU A 59 -35.69 2.05 4.92
CA GLU A 59 -34.56 1.51 4.15
C GLU A 59 -33.67 0.58 4.98
N ARG A 60 -33.50 0.90 6.26
CA ARG A 60 -32.67 0.07 7.12
C ARG A 60 -33.41 -1.23 7.40
N ARG A 61 -34.69 -1.11 7.74
CA ARG A 61 -35.49 -2.28 8.01
C ARG A 61 -35.49 -3.19 6.78
N ARG A 62 -35.75 -2.58 5.63
CA ARG A 62 -35.78 -3.30 4.37
C ARG A 62 -34.47 -4.05 4.14
N ILE A 63 -33.35 -3.44 4.49
CA ILE A 63 -32.07 -4.11 4.32
C ILE A 63 -32.01 -5.31 5.26
N GLU A 64 -32.26 -5.07 6.54
CA GLU A 64 -32.22 -6.13 7.53
C GLU A 64 -33.10 -7.33 7.17
N LYS A 65 -34.29 -7.05 6.66
CA LYS A 65 -35.19 -8.12 6.28
C LYS A 65 -34.58 -8.95 5.15
N ALA A 66 -33.98 -8.27 4.18
CA ALA A 66 -33.39 -8.92 3.03
C ALA A 66 -31.97 -9.43 3.21
N ALA A 67 -31.28 -8.95 4.24
CA ALA A 67 -29.90 -9.40 4.47
C ALA A 67 -29.55 -9.35 5.94
N PRO A 68 -30.07 -10.29 6.73
CA PRO A 68 -29.83 -10.38 8.18
C PRO A 68 -28.37 -10.39 8.59
N ALA A 69 -27.60 -11.29 7.98
CA ALA A 69 -26.20 -11.45 8.33
C ALA A 69 -25.25 -10.51 7.58
N LEU A 70 -25.81 -9.46 7.01
CA LEU A 70 -25.01 -8.48 6.29
C LEU A 70 -24.15 -7.70 7.28
N HIS A 71 -22.83 -7.91 7.24
CA HIS A 71 -21.97 -7.17 8.14
C HIS A 71 -21.66 -5.80 7.54
N VAL A 72 -21.63 -4.77 8.39
CA VAL A 72 -21.36 -3.41 7.94
C VAL A 72 -20.14 -2.83 8.64
N TYR A 73 -19.10 -2.52 7.89
CA TYR A 73 -17.88 -1.93 8.45
C TYR A 73 -17.99 -0.42 8.50
N GLN A 74 -17.80 0.16 9.68
CA GLN A 74 -17.93 1.61 9.80
C GLN A 74 -16.62 2.32 9.49
N ALA A 75 -16.75 3.58 9.08
CA ALA A 75 -15.60 4.41 8.73
C ALA A 75 -15.09 5.17 9.96
N GLU A 76 -14.00 5.92 9.78
CA GLU A 76 -13.40 6.69 10.88
C GLU A 76 -13.45 8.21 10.63
N LYS A 77 -14.43 8.67 9.86
CA LYS A 77 -14.61 10.09 9.54
C LYS A 77 -13.40 10.75 8.90
N ASP A 78 -12.28 10.03 8.87
CA ASP A 78 -11.04 10.56 8.29
C ASP A 78 -10.73 9.84 6.99
N GLN A 79 -11.55 8.84 6.72
CA GLN A 79 -11.45 8.03 5.53
C GLN A 79 -12.88 7.92 5.03
N THR A 80 -13.08 8.05 3.73
CA THR A 80 -14.42 7.95 3.17
C THR A 80 -14.88 6.49 3.24
N ASP A 81 -16.19 6.28 3.20
CA ASP A 81 -16.74 4.93 3.25
C ASP A 81 -16.20 4.16 2.04
N LEU A 82 -16.30 4.80 0.88
CA LEU A 82 -15.84 4.23 -0.38
C LEU A 82 -14.34 3.95 -0.26
N ASP A 83 -13.59 4.95 0.19
CA ASP A 83 -12.16 4.82 0.35
C ASP A 83 -11.81 3.60 1.20
N LEU A 84 -12.63 3.33 2.21
CA LEU A 84 -12.40 2.20 3.10
C LEU A 84 -12.72 0.87 2.41
N ALA A 85 -13.79 0.87 1.63
CA ALA A 85 -14.23 -0.31 0.90
C ALA A 85 -13.17 -0.74 -0.11
N LEU A 86 -12.46 0.24 -0.67
CA LEU A 86 -11.43 -0.06 -1.66
C LEU A 86 -10.24 -0.82 -1.06
N ASP A 87 -9.84 -0.49 0.17
CA ASP A 87 -8.74 -1.19 0.83
C ASP A 87 -9.11 -2.67 1.00
N TRP A 88 -10.35 -2.91 1.39
CA TRP A 88 -10.85 -4.26 1.60
C TRP A 88 -10.77 -5.05 0.29
N ALA A 89 -11.13 -4.39 -0.80
CA ALA A 89 -11.11 -5.01 -2.13
C ALA A 89 -9.69 -5.19 -2.69
N LEU A 90 -8.83 -4.18 -2.54
CA LEU A 90 -7.46 -4.29 -3.04
C LEU A 90 -6.78 -5.43 -2.30
N GLU A 91 -7.08 -5.56 -1.02
CA GLU A 91 -6.49 -6.64 -0.24
C GLU A 91 -6.85 -7.99 -0.87
N LYS A 92 -8.14 -8.21 -1.13
CA LYS A 92 -8.58 -9.46 -1.74
C LYS A 92 -7.81 -9.77 -3.02
N GLN A 93 -7.23 -8.74 -3.63
CA GLN A 93 -6.46 -8.91 -4.86
C GLN A 93 -7.24 -9.58 -5.99
N PRO A 94 -8.22 -8.87 -6.55
CA PRO A 94 -9.02 -9.40 -7.65
C PRO A 94 -8.37 -8.82 -8.89
N ASP A 95 -8.63 -9.39 -10.07
CA ASP A 95 -8.02 -8.88 -11.28
C ASP A 95 -8.61 -7.52 -11.65
N ILE A 96 -9.85 -7.30 -11.22
CA ILE A 96 -10.53 -6.06 -11.56
C ILE A 96 -11.47 -5.56 -10.48
N ILE A 97 -11.43 -4.26 -10.24
CA ILE A 97 -12.34 -3.65 -9.30
C ILE A 97 -13.15 -2.68 -10.17
N GLN A 98 -14.47 -2.69 -10.01
CA GLN A 98 -15.33 -1.79 -10.76
C GLN A 98 -16.23 -1.08 -9.77
N ILE A 99 -16.22 0.24 -9.83
CA ILE A 99 -17.00 1.05 -8.90
C ILE A 99 -18.11 1.85 -9.57
N PHE A 100 -19.28 1.83 -8.95
CA PHE A 100 -20.45 2.54 -9.47
C PHE A 100 -20.96 3.54 -8.43
N GLY A 101 -21.89 4.40 -8.85
CA GLY A 101 -22.44 5.40 -7.93
C GLY A 101 -21.30 6.30 -7.55
N ILE A 102 -20.50 6.60 -8.56
CA ILE A 102 -19.31 7.41 -8.42
C ILE A 102 -19.47 8.86 -8.86
N THR A 103 -20.62 9.17 -9.44
CA THR A 103 -20.89 10.53 -9.88
C THR A 103 -22.16 10.99 -9.20
N GLY A 104 -22.32 12.31 -9.10
CA GLY A 104 -23.49 12.85 -8.44
C GLY A 104 -23.46 14.35 -8.48
N GLY A 105 -24.45 14.96 -7.82
CA GLY A 105 -24.58 16.40 -7.76
C GLY A 105 -23.37 17.11 -7.20
N ARG A 106 -22.82 16.59 -6.11
CA ARG A 106 -21.65 17.20 -5.49
C ARG A 106 -20.40 16.80 -6.24
N ALA A 107 -19.73 17.79 -6.82
CA ALA A 107 -18.51 17.56 -7.59
C ALA A 107 -17.40 16.95 -6.73
N ASP A 108 -17.27 17.44 -5.50
CA ASP A 108 -16.26 16.93 -4.61
C ASP A 108 -16.31 15.42 -4.61
N HIS A 109 -17.52 14.88 -4.62
CA HIS A 109 -17.70 13.44 -4.62
C HIS A 109 -16.90 12.79 -5.73
N PHE A 110 -17.17 13.18 -6.98
CA PHE A 110 -16.45 12.62 -8.10
C PHE A 110 -14.95 12.91 -8.00
N LEU A 111 -14.57 14.17 -7.84
CA LEU A 111 -13.16 14.52 -7.75
C LEU A 111 -12.43 13.61 -6.77
N GLY A 112 -13.13 13.25 -5.68
CA GLY A 112 -12.53 12.38 -4.69
C GLY A 112 -12.30 11.05 -5.37
N ASN A 113 -13.38 10.36 -5.70
CA ASN A 113 -13.29 9.04 -6.32
C ASN A 113 -12.13 8.94 -7.32
N ILE A 114 -11.91 10.02 -8.06
CA ILE A 114 -10.81 10.08 -9.03
C ILE A 114 -9.46 9.84 -8.36
N GLN A 115 -9.25 10.47 -7.21
CA GLN A 115 -7.99 10.29 -6.49
C GLN A 115 -7.85 8.82 -6.09
N LEU A 116 -8.97 8.17 -5.81
CA LEU A 116 -8.97 6.76 -5.42
C LEU A 116 -8.23 5.91 -6.45
N LEU A 117 -8.37 6.26 -7.73
CA LEU A 117 -7.72 5.52 -8.81
C LEU A 117 -6.18 5.53 -8.68
N TYR A 118 -5.68 6.58 -8.04
CA TYR A 118 -4.26 6.75 -7.83
C TYR A 118 -3.73 5.63 -6.96
N LYS A 119 -4.52 5.26 -5.95
CA LYS A 119 -4.17 4.20 -5.02
C LYS A 119 -4.12 2.86 -5.74
N GLY A 120 -4.75 2.79 -6.91
CA GLY A 120 -4.75 1.56 -7.67
C GLY A 120 -3.52 1.31 -8.50
N VAL A 121 -2.88 2.37 -8.99
CA VAL A 121 -1.66 2.22 -9.79
C VAL A 121 -0.53 1.81 -8.87
N LYS A 122 -0.62 2.23 -7.61
CA LYS A 122 0.39 1.91 -6.62
C LYS A 122 0.39 0.41 -6.39
N THR A 123 -0.80 -0.17 -6.52
CA THR A 123 -1.02 -1.60 -6.31
C THR A 123 -1.15 -2.36 -7.62
N ASN A 124 -0.91 -1.68 -8.74
CA ASN A 124 -1.03 -2.31 -10.04
C ASN A 124 -2.22 -3.27 -10.11
N ILE A 125 -3.42 -2.72 -9.93
CA ILE A 125 -4.65 -3.49 -10.01
C ILE A 125 -5.64 -2.65 -10.81
N LYS A 126 -6.23 -3.24 -11.85
CA LYS A 126 -7.19 -2.53 -12.67
C LYS A 126 -8.39 -2.08 -11.84
N ILE A 127 -8.60 -0.77 -11.84
CA ILE A 127 -9.71 -0.15 -11.12
C ILE A 127 -10.44 0.74 -12.10
N ARG A 128 -11.63 0.33 -12.50
CA ARG A 128 -12.42 1.08 -13.47
C ARG A 128 -13.60 1.74 -12.79
N LEU A 129 -13.84 3.02 -13.06
CA LEU A 129 -14.99 3.71 -12.46
C LEU A 129 -16.07 3.71 -13.52
N ILE A 130 -17.31 3.46 -13.12
CA ILE A 130 -18.39 3.40 -14.11
C ILE A 130 -19.70 4.09 -13.72
N ASP A 131 -20.28 4.80 -14.69
CA ASP A 131 -21.56 5.46 -14.51
C ASP A 131 -22.36 5.33 -15.81
N LYS A 132 -23.55 5.90 -15.83
CA LYS A 132 -24.43 5.84 -16.99
C LYS A 132 -23.77 6.13 -18.34
N GLN A 133 -22.77 6.99 -18.38
CA GLN A 133 -22.14 7.28 -19.67
C GLN A 133 -20.63 7.45 -19.68
N ASN A 134 -19.96 6.95 -18.64
CA ASN A 134 -18.51 7.08 -18.59
C ASN A 134 -17.78 5.89 -17.95
N HIS A 135 -16.54 5.70 -18.37
CA HIS A 135 -15.66 4.66 -17.85
C HIS A 135 -14.33 5.35 -17.64
N ILE A 136 -13.94 5.47 -16.38
CA ILE A 136 -12.67 6.14 -16.09
C ILE A 136 -11.65 5.13 -15.63
N GLN A 137 -10.41 5.33 -16.07
CA GLN A 137 -9.32 4.43 -15.69
C GLN A 137 -8.00 5.15 -15.79
N PHE A 139 -3.70 4.88 -15.85
CA PHE A 139 -2.65 3.95 -16.22
C PHE A 139 -1.25 4.47 -15.96
N PRO A 140 -0.37 3.58 -15.50
CA PRO A 140 1.01 3.96 -15.24
C PRO A 140 1.69 3.81 -16.60
N PRO A 141 2.98 4.17 -16.71
CA PRO A 141 3.61 4.00 -18.03
C PRO A 141 3.49 2.56 -18.55
N GLY A 142 3.32 2.39 -19.85
CA GLY A 142 3.19 1.07 -20.41
C GLY A 142 2.59 1.17 -21.80
N GLU A 143 2.04 0.07 -22.31
CA GLU A 143 1.45 0.05 -23.64
C GLU A 143 0.12 -0.70 -23.56
N TYR A 144 -0.99 -0.01 -23.84
CA TYR A 144 -2.32 -0.62 -23.72
C TYR A 144 -3.19 -0.64 -24.98
N ASP A 145 -4.00 -1.70 -25.08
CA ASP A 145 -4.93 -1.88 -26.21
C ASP A 145 -6.36 -1.65 -25.74
N ILE A 146 -7.20 -1.13 -26.64
CA ILE A 146 -8.62 -0.94 -26.34
C ILE A 146 -9.40 -1.40 -27.56
N GLU A 147 -10.65 -1.74 -27.35
CA GLU A 147 -11.53 -2.19 -28.43
C GLU A 147 -12.55 -1.08 -28.65
N LYS A 148 -13.07 -0.97 -29.85
CA LYS A 148 -14.07 0.06 -30.13
C LYS A 148 -15.28 -0.22 -29.26
N ASP A 149 -15.91 0.84 -28.76
CA ASP A 149 -17.08 0.65 -27.91
C ASP A 149 -18.32 1.08 -28.66
N GLU A 150 -19.20 0.12 -28.93
CA GLU A 150 -20.42 0.36 -29.66
C GLU A 150 -21.37 1.39 -29.04
N ASN A 151 -21.30 1.60 -27.73
CA ASN A 151 -22.21 2.57 -27.11
C ASN A 151 -21.59 3.88 -26.65
N LYS A 152 -20.28 3.91 -26.51
CA LYS A 152 -19.58 5.11 -26.10
C LYS A 152 -18.49 5.31 -27.14
N ARG A 153 -18.60 6.37 -27.94
CA ARG A 153 -17.65 6.62 -29.02
C ARG A 153 -16.45 7.50 -28.73
N TYR A 154 -16.50 8.24 -27.63
CA TYR A 154 -15.39 9.12 -27.29
C TYR A 154 -14.44 8.52 -26.28
N ILE A 155 -13.16 8.74 -26.52
CA ILE A 155 -12.09 8.23 -25.66
C ILE A 155 -11.20 9.43 -25.43
N SER A 156 -11.15 9.93 -24.19
CA SER A 156 -10.31 11.07 -23.87
C SER A 156 -9.15 10.67 -22.97
N PHE A 157 -8.04 11.37 -23.07
CA PHE A 157 -6.87 11.09 -22.24
C PHE A 157 -6.49 12.35 -21.50
N ILE A 158 -6.21 12.22 -20.20
CA ILE A 158 -5.83 13.37 -19.42
C ILE A 158 -4.68 13.07 -18.48
N PRO A 159 -3.62 13.89 -18.54
CA PRO A 159 -2.43 13.71 -17.69
C PRO A 159 -2.85 13.87 -16.23
N PHE A 160 -2.18 13.17 -15.31
CA PHE A 160 -2.53 13.27 -13.91
C PHE A 160 -1.50 13.97 -13.01
N SER A 161 -0.60 13.22 -12.39
CA SER A 161 0.39 13.83 -11.50
C SER A 161 1.37 14.79 -12.20
N GLU A 162 1.98 14.35 -13.28
CA GLU A 162 2.94 15.18 -14.00
C GLU A 162 2.74 15.06 -15.51
N ASP A 163 3.70 15.59 -16.27
CA ASP A 163 3.64 15.52 -17.72
C ASP A 163 3.68 14.08 -18.24
N ILE A 164 3.07 13.86 -19.40
CA ILE A 164 3.07 12.53 -20.01
C ILE A 164 4.16 12.55 -21.07
N HIS A 165 5.02 11.53 -21.05
CA HIS A 165 6.14 11.46 -22.00
C HIS A 165 6.02 10.38 -23.04
N GLU A 166 6.31 10.76 -24.28
CA GLU A 166 6.27 9.85 -25.43
C GLU A 166 4.95 9.12 -25.62
N LEU A 167 3.85 9.88 -25.65
CA LEU A 167 2.52 9.32 -25.83
C LEU A 167 2.29 9.00 -27.30
N THR A 168 1.89 7.77 -27.59
CA THR A 168 1.62 7.34 -28.94
C THR A 168 0.22 6.77 -29.02
N LEU A 169 -0.53 7.21 -30.03
CA LEU A 169 -1.90 6.74 -30.22
C LEU A 169 -2.03 6.11 -31.61
N THR A 170 -2.63 4.94 -31.68
CA THR A 170 -2.80 4.24 -32.94
C THR A 170 -4.16 3.61 -33.04
N GLY A 171 -4.86 3.89 -34.14
CA GLY A 171 -6.19 3.37 -34.35
C GLY A 171 -7.18 4.45 -33.93
N PHE A 172 -6.64 5.65 -33.74
CA PHE A 172 -7.44 6.78 -33.31
C PHE A 172 -7.66 7.82 -34.41
N LYS A 173 -8.79 8.50 -34.34
CA LYS A 173 -9.13 9.53 -35.30
C LYS A 173 -8.03 10.59 -35.27
N TYR A 174 -7.51 10.86 -34.06
CA TYR A 174 -6.46 11.86 -33.86
C TYR A 174 -5.15 11.23 -33.39
N PRO A 175 -4.36 10.70 -34.32
CA PRO A 175 -3.08 10.05 -34.02
C PRO A 175 -2.08 10.93 -33.27
N LEU A 176 -1.08 10.28 -32.69
CA LEU A 176 -0.04 10.92 -31.90
C LEU A 176 1.18 10.01 -31.92
N ASN A 177 2.36 10.56 -32.19
CA ASN A 177 3.59 9.74 -32.21
C ASN A 177 4.66 10.26 -31.27
N ASN A 178 4.96 9.49 -30.22
CA ASN A 178 5.95 9.86 -29.20
C ASN A 178 5.85 11.32 -28.81
N CYS A 179 4.61 11.72 -28.51
CA CYS A 179 4.25 13.07 -28.15
C CYS A 179 4.43 13.33 -26.65
N HIS A 180 4.79 14.57 -26.30
CA HIS A 180 4.95 14.97 -24.91
C HIS A 180 3.72 15.78 -24.51
N ILE A 181 2.93 15.25 -23.59
CA ILE A 181 1.72 15.94 -23.16
C ILE A 181 1.98 16.61 -21.82
N THR A 182 1.87 17.94 -21.82
CA THR A 182 2.11 18.72 -20.62
C THR A 182 0.89 18.71 -19.70
N LEU A 183 1.15 18.76 -18.40
CA LEU A 183 0.10 18.74 -17.39
C LEU A 183 -0.93 19.87 -17.55
N GLY A 184 -2.21 19.51 -17.54
CA GLY A 184 -3.25 20.50 -17.66
C GLY A 184 -3.80 20.63 -19.08
N SER A 185 -3.11 20.00 -20.01
CA SER A 185 -3.47 20.01 -21.42
C SER A 185 -4.76 19.25 -21.72
N THR A 186 -5.63 19.85 -22.55
CA THR A 186 -6.87 19.18 -22.91
C THR A 186 -6.88 18.87 -24.40
N LEU A 187 -5.69 18.61 -24.94
CA LEU A 187 -5.54 18.27 -26.35
C LEU A 187 -6.06 16.86 -26.62
N CYS A 188 -5.71 15.95 -25.72
CA CYS A 188 -6.08 14.54 -25.87
C CYS A 188 -7.50 14.17 -25.42
N ILE A 189 -8.40 15.16 -25.42
CA ILE A 189 -9.78 14.93 -25.04
C ILE A 189 -10.60 14.82 -26.31
N SER A 190 -11.66 14.03 -26.25
CA SER A 190 -12.55 13.84 -27.37
C SER A 190 -11.91 13.17 -28.59
N ASN A 191 -11.25 12.03 -28.37
CA ASN A 191 -10.65 11.28 -29.46
C ASN A 191 -11.65 10.18 -29.78
N GLU A 192 -11.37 9.43 -30.84
CA GLU A 192 -12.24 8.34 -31.25
C GLU A 192 -11.40 7.24 -31.84
N LEU A 193 -11.97 6.04 -31.91
CA LEU A 193 -11.25 4.92 -32.50
C LEU A 193 -11.72 4.81 -33.96
N ILE A 194 -10.80 4.66 -34.91
CA ILE A 194 -11.21 4.54 -36.30
C ILE A 194 -11.09 3.09 -36.77
N HIS A 195 -10.53 2.26 -35.90
CA HIS A 195 -10.36 0.85 -36.21
C HIS A 195 -11.07 0.01 -35.15
N SER A 196 -10.95 -1.31 -35.25
CA SER A 196 -11.58 -2.19 -34.28
C SER A 196 -10.77 -2.20 -32.98
N ARG A 197 -9.44 -2.11 -33.11
CA ARG A 197 -8.56 -2.06 -31.94
C ARG A 197 -7.66 -0.82 -32.01
N GLY A 198 -7.38 -0.26 -30.85
CA GLY A 198 -6.52 0.91 -30.81
C GLY A 198 -5.44 0.72 -29.77
N THR A 199 -4.31 1.39 -29.97
CA THR A 199 -3.23 1.27 -29.02
C THR A 199 -2.76 2.65 -28.58
N PHE A 200 -2.29 2.73 -27.35
CA PHE A 200 -1.76 3.98 -26.83
C PHE A 200 -0.67 3.56 -25.87
N SER A 201 0.33 4.42 -25.70
CA SER A 201 1.43 4.12 -24.81
C SER A 201 2.26 5.38 -24.54
N PHE A 202 2.90 5.38 -23.39
CA PHE A 202 3.73 6.49 -22.95
C PHE A 202 4.75 5.92 -21.97
N VAL A 203 5.88 6.60 -21.83
CA VAL A 203 6.92 6.10 -20.96
C VAL A 203 6.97 6.64 -19.52
N LYS A 204 6.46 7.85 -19.31
CA LYS A 204 6.49 8.44 -17.99
C LYS A 204 5.20 9.21 -17.63
N GLY A 205 4.83 9.17 -16.35
CA GLY A 205 3.63 9.86 -15.90
C GLY A 205 2.43 8.97 -15.58
N ILE A 206 1.32 9.60 -15.26
CA ILE A 206 0.08 8.92 -14.92
C ILE A 206 -0.98 9.42 -15.88
N LEU A 207 -1.53 8.51 -16.67
CA LEU A 207 -2.54 8.90 -17.64
C LEU A 207 -3.95 8.48 -17.22
N ILE A 208 -4.92 9.34 -17.50
CA ILE A 208 -6.31 9.04 -17.18
C ILE A 208 -7.01 8.81 -18.50
N ILE A 210 -10.85 8.53 -20.19
CA ILE A 210 -12.28 8.65 -20.06
C ILE A 210 -12.92 8.21 -21.36
N ARG A 211 -13.76 7.18 -21.28
CA ARG A 211 -14.47 6.70 -22.44
C ARG A 211 -15.90 7.14 -22.13
N SER A 212 -16.50 7.89 -23.05
CA SER A 212 -17.84 8.41 -22.83
C SER A 212 -18.78 8.40 -24.02
N THR A 213 -19.96 8.98 -23.80
CA THR A 213 -20.98 9.05 -24.83
C THR A 213 -21.84 10.27 -24.60
N ASP A 214 -22.61 10.67 -25.61
CA ASP A 214 -23.51 11.82 -25.46
C ASP A 214 -24.95 11.35 -25.31
N LEU A 215 -25.11 10.04 -25.17
CA LEU A 215 -26.43 9.42 -25.02
C LEU A 215 -27.16 9.39 -26.37
N LYS B 2 11.72 -21.06 -15.98
CA LYS B 2 12.77 -19.99 -15.87
C LYS B 2 12.96 -19.54 -14.41
N THR B 3 14.23 -19.37 -14.03
CA THR B 3 14.57 -19.00 -12.67
C THR B 3 15.24 -17.63 -12.56
N ILE B 4 14.90 -16.91 -11.49
CA ILE B 4 15.48 -15.62 -11.22
C ILE B 4 16.09 -15.68 -9.83
N ASN B 5 17.42 -15.61 -9.77
CA ASN B 5 18.13 -15.65 -8.51
C ASN B 5 18.45 -14.24 -8.06
N ILE B 6 18.16 -13.95 -6.80
CA ILE B 6 18.48 -12.65 -6.22
C ILE B 6 19.53 -12.94 -5.16
N VAL B 7 20.58 -12.14 -5.13
CA VAL B 7 21.62 -12.29 -4.13
C VAL B 7 21.63 -10.97 -3.39
N ALA B 8 21.25 -11.00 -2.11
CA ALA B 8 21.22 -9.78 -1.30
C ALA B 8 22.58 -9.55 -0.68
N GLY B 9 22.66 -8.63 0.28
CA GLY B 9 23.94 -8.32 0.89
C GLY B 9 24.33 -9.01 2.19
N GLY B 10 24.02 -10.29 2.33
CA GLY B 10 24.39 -10.98 3.55
C GLY B 10 25.87 -11.38 3.57
N PRO B 11 26.37 -11.84 4.72
CA PRO B 11 27.78 -12.23 4.80
C PRO B 11 28.04 -13.33 3.78
N LYS B 12 29.09 -13.14 3.00
CA LYS B 12 29.48 -14.08 1.95
C LYS B 12 29.71 -15.53 2.42
N ASN B 13 30.13 -15.74 3.67
CA ASN B 13 30.37 -17.11 4.16
C ASN B 13 29.14 -18.02 4.36
N LEU B 14 27.98 -17.43 4.66
CA LEU B 14 26.76 -18.22 4.85
C LEU B 14 26.11 -18.58 3.52
N ILE B 15 26.65 -18.02 2.44
CA ILE B 15 26.16 -18.22 1.07
C ILE B 15 26.83 -19.37 0.32
N PRO B 16 26.04 -20.26 -0.32
CA PRO B 16 26.60 -21.38 -1.06
C PRO B 16 27.27 -20.90 -2.35
N ASP B 17 28.12 -21.74 -2.94
CA ASP B 17 28.81 -21.38 -4.18
C ASP B 17 27.83 -21.13 -5.33
N LEU B 18 27.59 -19.86 -5.61
CA LEU B 18 26.65 -19.49 -6.67
C LEU B 18 26.94 -20.14 -8.02
N THR B 19 28.21 -20.43 -8.29
CA THR B 19 28.60 -21.02 -9.57
C THR B 19 27.80 -22.26 -9.98
N GLY B 20 27.44 -23.10 -9.02
CA GLY B 20 26.68 -24.30 -9.35
C GLY B 20 25.18 -24.11 -9.45
N TYR B 21 24.74 -22.86 -9.50
CA TYR B 21 23.31 -22.53 -9.60
C TYR B 21 23.04 -21.80 -10.90
N THR B 22 24.07 -21.65 -11.73
CA THR B 22 23.93 -20.96 -13.00
C THR B 22 23.40 -21.93 -14.04
N ASP B 23 22.62 -21.41 -14.97
CA ASP B 23 22.05 -22.24 -16.02
C ASP B 23 21.54 -21.40 -17.16
N GLU B 24 21.26 -22.05 -18.29
CA GLU B 24 20.75 -21.40 -19.48
C GLU B 24 19.49 -20.59 -19.21
N HIS B 25 18.66 -21.06 -18.27
CA HIS B 25 17.42 -20.38 -17.95
C HIS B 25 17.41 -19.74 -16.56
N THR B 26 18.57 -19.28 -16.12
CA THR B 26 18.69 -18.63 -14.82
C THR B 26 19.35 -17.26 -14.88
N LEU B 27 18.56 -16.22 -14.65
CA LEU B 27 19.02 -14.83 -14.65
C LEU B 27 19.41 -14.47 -13.21
N TRP B 28 20.30 -13.50 -13.08
CA TRP B 28 20.74 -13.06 -11.75
C TRP B 28 20.65 -11.55 -11.57
N ILE B 29 20.02 -11.12 -10.47
CA ILE B 29 19.96 -9.70 -10.18
C ILE B 29 20.59 -9.55 -8.81
N GLY B 30 21.46 -8.57 -8.68
CA GLY B 30 22.14 -8.35 -7.42
C GLY B 30 21.46 -7.33 -6.55
N VAL B 31 21.58 -7.51 -5.25
CA VAL B 31 20.96 -6.58 -4.32
C VAL B 31 21.96 -6.14 -3.27
N ASP B 32 22.17 -4.83 -3.21
CA ASP B 32 23.10 -4.24 -2.26
C ASP B 32 24.45 -4.90 -2.44
N LYS B 33 25.23 -5.00 -1.37
CA LYS B 33 26.56 -5.62 -1.48
C LYS B 33 26.56 -6.94 -2.27
N GLY B 34 25.37 -7.52 -2.45
CA GLY B 34 25.22 -8.77 -3.18
C GLY B 34 25.76 -8.75 -4.61
N THR B 35 25.58 -7.62 -5.29
CA THR B 35 26.07 -7.48 -6.66
C THR B 35 27.61 -7.58 -6.67
N VAL B 36 28.22 -7.38 -5.50
CA VAL B 36 29.66 -7.51 -5.37
C VAL B 36 29.98 -8.99 -5.23
N THR B 37 29.20 -9.66 -4.38
CA THR B 37 29.37 -11.09 -4.16
C THR B 37 29.30 -11.81 -5.51
N LEU B 38 28.28 -11.50 -6.30
CA LEU B 38 28.08 -12.12 -7.61
C LEU B 38 29.35 -11.98 -8.45
N LEU B 39 29.90 -10.76 -8.47
CA LEU B 39 31.11 -10.45 -9.23
C LEU B 39 32.26 -11.37 -8.83
N ASP B 40 32.37 -11.66 -7.53
CA ASP B 40 33.43 -12.54 -7.04
C ASP B 40 33.25 -13.95 -7.60
N ALA B 41 32.00 -14.35 -7.78
CA ALA B 41 31.67 -15.66 -8.32
C ALA B 41 31.63 -15.61 -9.84
N GLY B 42 32.11 -14.49 -10.40
CA GLY B 42 32.14 -14.34 -11.84
C GLY B 42 30.79 -14.24 -12.53
N ILE B 43 29.76 -13.87 -11.80
CA ILE B 43 28.42 -13.73 -12.37
C ILE B 43 28.05 -12.25 -12.46
N ILE B 44 27.60 -11.80 -13.63
CA ILE B 44 27.21 -10.40 -13.83
C ILE B 44 25.68 -10.29 -13.77
N PRO B 45 25.15 -9.65 -12.73
CA PRO B 45 23.69 -9.51 -12.61
C PRO B 45 23.09 -8.81 -13.81
N VAL B 46 21.83 -9.11 -14.10
CA VAL B 46 21.17 -8.45 -15.21
C VAL B 46 20.72 -7.08 -14.71
N GLU B 47 20.40 -7.02 -13.42
CA GLU B 47 19.96 -5.78 -12.78
C GLU B 47 20.50 -5.80 -11.34
N ALA B 48 20.44 -4.65 -10.67
CA ALA B 48 20.90 -4.52 -9.28
C ALA B 48 20.03 -3.50 -8.56
N PHE B 49 19.92 -3.63 -7.24
CA PHE B 49 19.09 -2.70 -6.49
C PHE B 49 19.73 -2.19 -5.19
N GLY B 50 19.54 -0.90 -4.94
CA GLY B 50 20.08 -0.29 -3.75
C GLY B 50 21.09 0.82 -4.03
N ASP B 51 22.07 0.93 -3.15
CA ASP B 51 23.10 1.95 -3.29
C ASP B 51 24.46 1.37 -2.91
N PHE B 52 25.48 2.22 -2.97
CA PHE B 52 26.84 1.83 -2.66
C PHE B 52 27.27 2.30 -1.29
N ASP B 53 26.30 2.69 -0.46
CA ASP B 53 26.61 3.17 0.88
C ASP B 53 27.50 2.18 1.57
N SER B 54 27.22 0.91 1.36
CA SER B 54 27.99 -0.16 1.99
C SER B 54 29.00 -0.83 1.06
N ILE B 55 29.40 -0.11 0.01
CA ILE B 55 30.37 -0.61 -0.95
C ILE B 55 31.53 0.38 -1.09
N THR B 56 32.75 -0.14 -0.98
CA THR B 56 33.97 0.67 -1.08
C THR B 56 34.16 1.35 -2.44
N GLU B 57 35.28 2.07 -2.60
CA GLU B 57 35.56 2.75 -3.85
C GLU B 57 36.13 1.76 -4.87
N GLN B 58 37.06 0.92 -4.44
CA GLN B 58 37.64 -0.05 -5.36
C GLN B 58 36.53 -0.96 -5.87
N GLU B 59 35.58 -1.24 -4.98
CA GLU B 59 34.44 -2.08 -5.32
C GLU B 59 33.55 -1.43 -6.36
N ARG B 60 33.23 -0.15 -6.17
CA ARG B 60 32.37 0.56 -7.10
C ARG B 60 33.06 0.70 -8.44
N ARG B 61 34.39 0.63 -8.43
CA ARG B 61 35.16 0.75 -9.66
C ARG B 61 35.07 -0.58 -10.36
N ARG B 62 35.14 -1.66 -9.58
CA ARG B 62 35.04 -3.00 -10.14
C ARG B 62 33.69 -3.23 -10.82
N ILE B 63 32.60 -2.92 -10.13
CA ILE B 63 31.29 -3.12 -10.73
C ILE B 63 31.14 -2.32 -12.03
N GLU B 64 31.51 -1.05 -12.00
CA GLU B 64 31.42 -0.19 -13.18
C GLU B 64 32.42 -0.58 -14.27
N LYS B 65 33.48 -1.27 -13.87
CA LYS B 65 34.50 -1.72 -14.82
C LYS B 65 34.05 -3.00 -15.50
N ALA B 66 33.47 -3.93 -14.74
CA ALA B 66 33.00 -5.21 -15.28
C ALA B 66 31.58 -5.12 -15.86
N ALA B 67 30.76 -4.21 -15.34
CA ALA B 67 29.40 -4.06 -15.80
C ALA B 67 29.03 -2.62 -16.11
N PRO B 68 29.70 -2.03 -17.12
CA PRO B 68 29.52 -0.64 -17.59
C PRO B 68 28.06 -0.24 -17.77
N ALA B 69 27.25 -1.20 -18.21
CA ALA B 69 25.84 -0.96 -18.47
C ALA B 69 24.90 -1.45 -17.39
N LEU B 70 25.45 -2.06 -16.34
CA LEU B 70 24.58 -2.56 -15.30
C LEU B 70 23.69 -1.43 -14.83
N HIS B 71 22.40 -1.68 -14.67
CA HIS B 71 21.54 -0.61 -14.22
C HIS B 71 21.25 -0.79 -12.73
N VAL B 72 21.32 0.32 -12.00
CA VAL B 72 21.07 0.27 -10.57
C VAL B 72 19.84 1.06 -10.19
N TYR B 73 18.78 0.38 -9.74
CA TYR B 73 17.57 1.07 -9.33
C TYR B 73 17.75 1.53 -7.89
N GLN B 74 17.23 2.71 -7.57
CA GLN B 74 17.34 3.24 -6.23
C GLN B 74 16.19 2.76 -5.37
N ALA B 75 16.53 2.26 -4.18
CA ALA B 75 15.50 1.79 -3.26
C ALA B 75 15.07 3.00 -2.46
N GLU B 76 13.76 3.23 -2.36
CA GLU B 76 13.23 4.35 -1.60
C GLU B 76 13.53 4.18 -0.12
N LYS B 77 13.09 5.15 0.67
CA LYS B 77 13.30 5.10 2.11
C LYS B 77 12.28 4.18 2.77
N ASP B 78 11.16 3.94 2.10
CA ASP B 78 10.10 3.10 2.66
C ASP B 78 10.14 1.61 2.38
N GLN B 79 11.19 1.13 1.72
CA GLN B 79 11.27 -0.30 1.45
C GLN B 79 12.70 -0.79 1.24
N THR B 80 12.88 -2.08 1.53
CA THR B 80 14.18 -2.74 1.38
C THR B 80 14.56 -2.89 -0.08
N ASP B 81 15.87 -2.89 -0.33
CA ASP B 81 16.44 -3.03 -1.67
C ASP B 81 15.86 -4.30 -2.29
N LEU B 82 15.96 -5.38 -1.53
CA LEU B 82 15.50 -6.69 -1.93
C LEU B 82 14.01 -6.63 -2.30
N ASP B 83 13.19 -6.18 -1.37
CA ASP B 83 11.76 -6.08 -1.59
C ASP B 83 11.49 -5.47 -2.96
N LEU B 84 12.30 -4.49 -3.36
CA LEU B 84 12.11 -3.89 -4.68
C LEU B 84 12.56 -4.88 -5.76
N ALA B 85 13.65 -5.59 -5.49
CA ALA B 85 14.16 -6.56 -6.44
C ALA B 85 13.11 -7.66 -6.58
N LEU B 86 12.48 -8.02 -5.46
CA LEU B 86 11.46 -9.06 -5.46
C LEU B 86 10.33 -8.64 -6.40
N ASP B 87 9.95 -7.37 -6.33
CA ASP B 87 8.89 -6.81 -7.17
C ASP B 87 9.25 -7.03 -8.64
N TRP B 88 10.47 -6.67 -8.99
CA TRP B 88 10.98 -6.79 -10.35
C TRP B 88 10.86 -8.24 -10.84
N ALA B 89 11.29 -9.18 -9.99
CA ALA B 89 11.24 -10.60 -10.32
C ALA B 89 9.82 -11.13 -10.38
N LEU B 90 8.95 -10.63 -9.50
CA LEU B 90 7.58 -11.09 -9.51
C LEU B 90 6.86 -10.67 -10.79
N GLU B 91 7.22 -9.52 -11.33
CA GLU B 91 6.61 -9.01 -12.55
C GLU B 91 6.93 -9.90 -13.76
N LYS B 92 8.18 -10.35 -13.85
CA LYS B 92 8.58 -11.22 -14.95
C LYS B 92 7.91 -12.60 -14.86
N GLN B 93 7.12 -12.77 -13.79
CA GLN B 93 6.38 -14.01 -13.54
C GLN B 93 7.14 -15.30 -13.81
N PRO B 94 8.40 -15.38 -13.36
CA PRO B 94 9.18 -16.61 -13.58
C PRO B 94 8.53 -17.80 -12.88
N ASP B 95 9.07 -18.99 -13.07
CA ASP B 95 8.52 -20.17 -12.43
C ASP B 95 8.99 -20.24 -10.99
N ILE B 96 10.28 -19.97 -10.79
CA ILE B 96 10.85 -20.00 -9.47
C ILE B 96 11.83 -18.85 -9.22
N ILE B 97 11.74 -18.26 -8.04
CA ILE B 97 12.64 -17.17 -7.64
C ILE B 97 13.42 -17.63 -6.42
N GLN B 98 14.75 -17.45 -6.48
CA GLN B 98 15.62 -17.83 -5.38
C GLN B 98 16.37 -16.62 -4.83
N ILE B 99 16.69 -16.64 -3.54
CA ILE B 99 17.39 -15.54 -2.86
C ILE B 99 18.50 -16.02 -1.92
N PHE B 100 19.74 -15.59 -2.19
CA PHE B 100 20.88 -15.96 -1.35
C PHE B 100 21.30 -14.74 -0.52
N GLY B 101 22.32 -14.89 0.34
CA GLY B 101 22.78 -13.77 1.17
C GLY B 101 21.65 -13.19 1.99
N ILE B 102 20.81 -14.09 2.47
CA ILE B 102 19.62 -13.73 3.20
C ILE B 102 19.74 -14.02 4.70
N THR B 103 20.88 -14.60 5.08
CA THR B 103 21.18 -14.95 6.46
C THR B 103 22.34 -14.07 6.88
N GLY B 104 22.59 -13.98 8.18
CA GLY B 104 23.68 -13.15 8.66
C GLY B 104 23.48 -12.50 10.00
N GLY B 105 24.21 -11.41 10.20
CA GLY B 105 24.16 -10.68 11.45
C GLY B 105 22.82 -10.33 12.05
N ARG B 106 22.26 -9.20 11.64
CA ARG B 106 20.99 -8.71 12.16
C ARG B 106 19.79 -9.61 11.92
N ALA B 107 19.20 -10.07 13.02
CA ALA B 107 18.03 -10.94 12.96
C ALA B 107 16.86 -10.26 12.26
N ASP B 108 16.77 -8.94 12.38
CA ASP B 108 15.68 -8.25 11.72
C ASP B 108 15.77 -8.38 10.21
N HIS B 109 16.98 -8.55 9.69
CA HIS B 109 17.14 -8.71 8.26
C HIS B 109 16.60 -10.07 7.83
N PHE B 110 17.11 -11.13 8.42
CA PHE B 110 16.65 -12.49 8.10
C PHE B 110 15.14 -12.61 8.30
N LEU B 111 14.68 -12.10 9.43
CA LEU B 111 13.27 -12.15 9.80
C LEU B 111 12.47 -11.30 8.81
N GLY B 112 13.06 -10.19 8.40
CA GLY B 112 12.39 -9.30 7.46
C GLY B 112 12.30 -9.97 6.12
N ASN B 113 13.29 -10.78 5.79
CA ASN B 113 13.30 -11.48 4.52
C ASN B 113 12.16 -12.51 4.51
N ILE B 114 12.02 -13.26 5.60
CA ILE B 114 10.97 -14.27 5.72
C ILE B 114 9.61 -13.70 5.30
N GLN B 115 9.36 -12.45 5.68
CA GLN B 115 8.09 -11.78 5.36
C GLN B 115 7.89 -11.63 3.84
N LEU B 116 8.97 -11.54 3.09
CA LEU B 116 8.89 -11.40 1.65
C LEU B 116 8.35 -12.66 0.99
N LEU B 117 8.53 -13.81 1.63
CA LEU B 117 8.02 -15.05 1.07
C LEU B 117 6.51 -14.97 1.02
N TYR B 118 5.94 -14.12 1.87
CA TYR B 118 4.50 -13.93 1.95
C TYR B 118 3.93 -13.38 0.65
N LYS B 119 4.69 -12.52 -0.02
CA LYS B 119 4.28 -11.93 -1.28
C LYS B 119 4.24 -12.98 -2.39
N GLY B 120 4.96 -14.09 -2.19
CA GLY B 120 5.00 -15.13 -3.19
C GLY B 120 3.71 -15.93 -3.27
N VAL B 121 3.16 -16.29 -2.12
CA VAL B 121 1.92 -17.06 -2.10
C VAL B 121 0.82 -16.23 -2.75
N LYS B 122 0.90 -14.92 -2.57
CA LYS B 122 -0.07 -13.98 -3.11
C LYS B 122 -0.06 -13.92 -4.64
N THR B 123 1.13 -13.99 -5.23
CA THR B 123 1.26 -13.95 -6.67
C THR B 123 1.51 -15.36 -7.22
N ASN B 124 1.13 -16.36 -6.43
CA ASN B 124 1.28 -17.77 -6.81
C ASN B 124 2.60 -18.07 -7.52
N ILE B 125 3.69 -17.50 -7.04
CA ILE B 125 5.00 -17.74 -7.64
C ILE B 125 5.95 -18.33 -6.60
N LYS B 126 6.50 -19.51 -6.90
CA LYS B 126 7.43 -20.20 -5.99
C LYS B 126 8.66 -19.39 -5.62
N ILE B 127 8.86 -19.17 -4.31
CA ILE B 127 10.01 -18.43 -3.81
C ILE B 127 10.75 -19.25 -2.78
N ARG B 128 12.08 -19.30 -2.90
CA ARG B 128 12.89 -20.10 -1.99
C ARG B 128 14.12 -19.40 -1.43
N LEU B 129 14.15 -19.19 -0.11
CA LEU B 129 15.30 -18.56 0.53
C LEU B 129 16.39 -19.63 0.63
N ILE B 130 17.63 -19.26 0.32
CA ILE B 130 18.71 -20.23 0.38
C ILE B 130 19.98 -19.74 1.03
N ASP B 131 20.52 -20.59 1.90
CA ASP B 131 21.76 -20.33 2.62
C ASP B 131 22.52 -21.68 2.71
N LYS B 132 23.84 -21.63 2.83
CA LYS B 132 24.64 -22.86 2.92
C LYS B 132 23.99 -24.05 3.64
N GLN B 133 23.14 -23.79 4.63
CA GLN B 133 22.49 -24.89 5.33
C GLN B 133 20.98 -24.86 5.44
N ASN B 134 20.33 -23.85 4.89
CA ASN B 134 18.88 -23.79 4.97
C ASN B 134 18.19 -23.46 3.65
N HIS B 135 16.96 -23.91 3.53
CA HIS B 135 16.09 -23.66 2.38
C HIS B 135 14.78 -23.26 3.03
N ILE B 136 14.27 -22.09 2.74
CA ILE B 136 12.98 -21.71 3.32
C ILE B 136 11.96 -21.42 2.24
N GLN B 137 10.77 -21.98 2.39
CA GLN B 137 9.67 -21.75 1.44
C GLN B 137 8.36 -21.63 2.20
N PHE B 139 3.99 -22.15 1.69
CA PHE B 139 3.03 -22.78 0.79
C PHE B 139 1.60 -22.55 1.21
N PRO B 140 0.75 -22.13 0.27
CA PRO B 140 -0.67 -21.92 0.58
C PRO B 140 -1.29 -23.32 0.61
N PRO B 141 -2.59 -23.44 0.87
CA PRO B 141 -3.19 -24.78 0.90
C PRO B 141 -2.84 -25.58 -0.34
N GLY B 142 -3.03 -26.89 -0.29
CA GLY B 142 -2.71 -27.74 -1.42
C GLY B 142 -1.87 -28.95 -1.01
N GLU B 143 -1.61 -29.84 -1.95
CA GLU B 143 -0.83 -31.04 -1.68
C GLU B 143 0.52 -30.96 -2.41
N TYR B 144 1.60 -31.26 -1.69
CA TYR B 144 2.93 -31.17 -2.27
C TYR B 144 3.85 -32.39 -2.05
N ASP B 145 4.70 -32.64 -3.04
CA ASP B 145 5.65 -33.74 -2.95
C ASP B 145 7.01 -33.13 -2.68
N ILE B 146 7.85 -33.87 -1.96
CA ILE B 146 9.20 -33.44 -1.65
C ILE B 146 10.06 -34.68 -1.78
N GLU B 147 11.36 -34.50 -1.94
CA GLU B 147 12.23 -35.64 -2.08
C GLU B 147 13.39 -35.52 -1.10
N LYS B 148 13.78 -36.65 -0.50
CA LYS B 148 14.88 -36.63 0.47
C LYS B 148 16.06 -35.85 -0.08
N ASP B 149 16.70 -35.07 0.80
CA ASP B 149 17.84 -34.27 0.41
C ASP B 149 19.08 -34.83 1.10
N GLU B 150 19.89 -35.56 0.34
CA GLU B 150 21.12 -36.16 0.85
C GLU B 150 21.95 -35.19 1.67
N ASN B 151 21.71 -33.90 1.49
CA ASN B 151 22.47 -32.86 2.18
C ASN B 151 21.70 -32.06 3.23
N LYS B 152 20.47 -32.47 3.52
CA LYS B 152 19.64 -31.79 4.51
C LYS B 152 18.63 -32.76 5.10
N ARG B 153 19.00 -33.33 6.24
CA ARG B 153 18.17 -34.28 6.94
C ARG B 153 16.81 -33.74 7.39
N TYR B 154 16.84 -32.57 8.03
CA TYR B 154 15.62 -31.99 8.59
C TYR B 154 14.66 -31.20 7.71
N ILE B 155 13.38 -31.43 7.98
CA ILE B 155 12.30 -30.77 7.27
C ILE B 155 11.40 -30.22 8.37
N SER B 156 11.26 -28.91 8.44
CA SER B 156 10.44 -28.32 9.47
C SER B 156 9.25 -27.55 8.94
N PHE B 157 8.11 -27.72 9.61
CA PHE B 157 6.89 -27.05 9.22
C PHE B 157 6.45 -26.14 10.36
N ILE B 158 6.27 -24.86 10.05
CA ILE B 158 5.85 -23.87 11.02
C ILE B 158 4.71 -23.08 10.41
N PRO B 159 3.64 -22.90 11.18
CA PRO B 159 2.48 -22.14 10.71
C PRO B 159 2.76 -20.64 10.68
N PHE B 160 2.52 -20.02 9.52
CA PHE B 160 2.75 -18.59 9.37
C PHE B 160 1.65 -17.77 10.06
N SER B 161 0.71 -17.38 9.38
CA SER B 161 -0.11 -16.54 10.13
C SER B 161 -1.17 -17.03 10.95
N GLU B 162 -1.56 -18.28 10.92
CA GLU B 162 -2.84 -18.72 11.25
C GLU B 162 -2.71 -20.16 11.45
N ASP B 163 -3.74 -20.88 11.71
CA ASP B 163 -3.57 -22.18 11.99
C ASP B 163 -3.55 -22.85 10.73
N ILE B 164 -3.19 -24.04 10.63
CA ILE B 164 -3.25 -24.74 9.46
C ILE B 164 -4.02 -25.94 9.69
N HIS B 165 -4.92 -26.24 8.80
CA HIS B 165 -5.89 -27.21 8.95
C HIS B 165 -5.61 -28.27 8.14
N GLU B 166 -6.04 -29.39 8.61
CA GLU B 166 -5.94 -30.64 8.08
C GLU B 166 -4.68 -30.94 7.49
N LEU B 167 -3.61 -30.85 8.18
CA LEU B 167 -2.25 -31.27 7.81
C LEU B 167 -1.83 -32.65 7.83
N THR B 168 -1.50 -33.09 6.73
CA THR B 168 -1.19 -34.50 6.59
C THR B 168 0.18 -34.71 5.93
N LEU B 169 1.05 -35.42 6.63
CA LEU B 169 2.39 -35.71 6.12
C LEU B 169 2.45 -37.22 5.86
N THR B 170 3.23 -37.62 4.87
CA THR B 170 3.40 -39.03 4.51
C THR B 170 4.83 -39.23 4.08
N GLY B 171 5.43 -40.34 4.52
CA GLY B 171 6.81 -40.61 4.15
C GLY B 171 7.77 -39.91 5.07
N PHE B 172 7.25 -39.52 6.24
CA PHE B 172 8.04 -38.85 7.24
C PHE B 172 8.27 -39.72 8.47
N LYS B 173 9.29 -39.36 9.25
CA LYS B 173 9.62 -40.06 10.47
C LYS B 173 8.45 -39.89 11.44
N TYR B 174 7.92 -38.67 11.48
CA TYR B 174 6.80 -38.35 12.35
C TYR B 174 5.56 -38.08 11.50
N PRO B 175 4.72 -39.11 11.30
CA PRO B 175 3.50 -39.00 10.50
C PRO B 175 2.56 -37.93 11.02
N LEU B 176 1.42 -37.80 10.34
CA LEU B 176 0.42 -36.83 10.74
C LEU B 176 -0.72 -36.97 9.75
N ASN B 177 -1.93 -37.22 10.26
CA ASN B 177 -3.06 -37.37 9.38
C ASN B 177 -4.20 -36.40 9.67
N ASN B 178 -4.34 -35.39 8.80
CA ASN B 178 -5.37 -34.36 8.90
C ASN B 178 -5.34 -33.70 10.26
N CYS B 179 -4.13 -33.40 10.75
CA CYS B 179 -3.97 -32.79 12.07
C CYS B 179 -4.11 -31.28 12.09
N HIS B 180 -4.62 -30.77 13.20
CA HIS B 180 -4.79 -29.33 13.34
C HIS B 180 -3.59 -28.76 14.08
N ILE B 181 -2.88 -27.83 13.43
CA ILE B 181 -1.72 -27.19 14.04
C ILE B 181 -2.10 -25.74 14.28
N THR B 182 -2.18 -25.35 15.54
CA THR B 182 -2.54 -23.97 15.88
C THR B 182 -1.32 -23.05 15.93
N LEU B 183 -1.52 -21.77 15.59
CA LEU B 183 -0.45 -20.78 15.56
C LEU B 183 0.47 -20.80 16.78
N GLY B 184 1.78 -20.79 16.53
CA GLY B 184 2.75 -20.80 17.60
C GLY B 184 3.40 -22.16 17.82
N SER B 185 2.75 -23.19 17.31
CA SER B 185 3.24 -24.57 17.46
C SER B 185 4.69 -24.78 16.99
N THR B 186 5.43 -25.58 17.74
CA THR B 186 6.81 -25.89 17.37
C THR B 186 6.88 -27.40 17.21
N LEU B 187 5.70 -28.01 17.21
CA LEU B 187 5.50 -29.45 17.07
C LEU B 187 6.15 -30.08 15.85
N CYS B 188 5.82 -29.51 14.69
CA CYS B 188 6.29 -29.99 13.40
C CYS B 188 7.70 -29.60 12.98
N ILE B 189 8.51 -29.16 13.94
CA ILE B 189 9.90 -28.79 13.66
C ILE B 189 10.79 -30.03 13.77
N SER B 190 11.90 -30.02 13.04
CA SER B 190 12.86 -31.10 13.05
C SER B 190 12.36 -32.46 12.55
N ASN B 191 11.39 -32.46 11.65
CA ASN B 191 10.91 -33.72 11.13
C ASN B 191 11.95 -34.19 10.12
N GLU B 192 11.90 -35.46 9.77
CA GLU B 192 12.84 -36.03 8.81
C GLU B 192 12.01 -36.78 7.78
N LEU B 193 12.66 -37.15 6.68
CA LEU B 193 11.98 -37.89 5.63
C LEU B 193 12.48 -39.32 5.74
N ILE B 194 11.57 -40.29 5.82
CA ILE B 194 11.98 -41.68 5.94
C ILE B 194 12.08 -42.38 4.59
N HIS B 195 11.33 -41.90 3.61
CA HIS B 195 11.40 -42.49 2.28
C HIS B 195 12.12 -41.53 1.32
N SER B 196 12.36 -41.99 0.09
CA SER B 196 13.05 -41.19 -0.92
C SER B 196 12.22 -39.96 -1.28
N ARG B 197 10.91 -40.12 -1.19
CA ARG B 197 10.01 -39.04 -1.49
C ARG B 197 8.83 -39.10 -0.53
N GLY B 198 8.47 -37.95 0.02
CA GLY B 198 7.34 -37.91 0.93
C GLY B 198 6.30 -36.99 0.31
N THR B 199 5.40 -36.48 1.14
CA THR B 199 4.37 -35.57 0.65
C THR B 199 3.50 -35.03 1.76
N PHE B 200 3.23 -33.73 1.71
CA PHE B 200 2.40 -33.09 2.70
C PHE B 200 1.20 -32.40 2.05
N SER B 201 0.23 -31.97 2.86
CA SER B 201 -0.95 -31.29 2.34
C SER B 201 -1.84 -30.81 3.47
N PHE B 202 -2.39 -29.61 3.30
CA PHE B 202 -3.28 -29.01 4.29
C PHE B 202 -4.35 -28.22 3.53
N VAL B 203 -5.46 -27.96 4.20
CA VAL B 203 -6.56 -27.25 3.52
C VAL B 203 -6.74 -25.76 3.78
N LYS B 204 -6.09 -25.22 4.82
CA LYS B 204 -6.23 -23.79 5.08
C LYS B 204 -5.11 -23.18 5.94
N GLY B 205 -4.71 -21.96 5.59
CA GLY B 205 -3.63 -21.28 6.30
C GLY B 205 -2.34 -21.31 5.51
N ILE B 206 -1.31 -20.60 5.99
CA ILE B 206 -0.05 -20.61 5.26
C ILE B 206 0.99 -21.41 6.01
N LEU B 207 1.76 -22.19 5.28
CA LEU B 207 2.79 -23.02 5.88
C LEU B 207 4.19 -22.61 5.46
N ILE B 208 5.12 -22.60 6.40
CA ILE B 208 6.50 -22.26 6.11
C ILE B 208 7.28 -23.56 6.22
N ILE B 210 11.08 -25.39 6.29
CA ILE B 210 12.50 -25.17 6.38
C ILE B 210 13.20 -26.50 6.21
N ARG B 211 14.02 -26.60 5.18
CA ARG B 211 14.78 -27.83 4.98
C ARG B 211 16.16 -27.44 5.51
N SER B 212 16.74 -28.29 6.34
CA SER B 212 18.03 -27.95 6.91
C SER B 212 18.93 -29.10 7.34
N THR B 213 20.11 -28.73 7.84
CA THR B 213 21.11 -29.67 8.30
C THR B 213 21.84 -29.11 9.51
N ASP B 214 22.49 -30.00 10.26
CA ASP B 214 23.23 -29.56 11.44
C ASP B 214 24.55 -28.94 11.03
N LEU B 215 25.21 -29.56 10.05
CA LEU B 215 26.51 -29.11 9.53
C LEU B 215 27.60 -29.87 10.28
N LYS C 2 -12.39 43.51 -15.20
CA LYS C 2 -12.36 43.18 -13.76
C LYS C 2 -13.03 41.82 -13.49
N THR C 3 -14.15 41.56 -14.16
CA THR C 3 -14.86 40.30 -14.00
C THR C 3 -15.45 39.78 -15.32
N ILE C 4 -14.92 38.66 -15.78
CA ILE C 4 -15.40 38.04 -17.02
C ILE C 4 -16.02 36.68 -16.77
N ASN C 5 -17.26 36.52 -17.23
CA ASN C 5 -17.98 35.26 -17.06
C ASN C 5 -18.14 34.50 -18.36
N ILE C 6 -18.00 33.19 -18.28
CA ILE C 6 -18.14 32.34 -19.46
C ILE C 6 -19.20 31.26 -19.26
N VAL C 7 -20.13 31.18 -20.19
CA VAL C 7 -21.18 30.18 -20.12
C VAL C 7 -21.00 29.23 -21.30
N ALA C 8 -20.76 27.96 -21.00
CA ALA C 8 -20.52 26.97 -22.05
C ALA C 8 -21.71 26.06 -22.32
N GLY C 9 -21.49 25.11 -23.23
CA GLY C 9 -22.54 24.21 -23.66
C GLY C 9 -23.14 23.19 -22.70
N GLY C 10 -22.70 23.16 -21.45
CA GLY C 10 -23.25 22.20 -20.53
C GLY C 10 -24.77 22.21 -20.49
N PRO C 11 -25.40 21.13 -20.00
CA PRO C 11 -26.85 21.01 -19.89
C PRO C 11 -27.42 22.22 -19.15
N LYS C 12 -28.50 22.77 -19.68
CA LYS C 12 -29.12 23.96 -19.10
C LYS C 12 -29.70 23.82 -17.70
N ASN C 13 -30.14 22.62 -17.34
CA ASN C 13 -30.72 22.45 -16.01
C ASN C 13 -29.66 22.50 -14.93
N LEU C 14 -28.41 22.28 -15.29
CA LEU C 14 -27.32 22.31 -14.32
C LEU C 14 -26.78 23.71 -14.03
N ILE C 15 -27.21 24.69 -14.83
CA ILE C 15 -26.75 26.07 -14.66
C ILE C 15 -27.69 26.90 -13.77
N PRO C 16 -27.12 27.62 -12.80
CA PRO C 16 -27.90 28.46 -11.90
C PRO C 16 -28.33 29.73 -12.61
N ASP C 17 -29.38 30.38 -12.11
CA ASP C 17 -29.82 31.63 -12.70
C ASP C 17 -28.62 32.58 -12.82
N LEU C 18 -28.21 32.82 -14.05
CA LEU C 18 -27.09 33.69 -14.32
C LEU C 18 -27.28 35.13 -13.85
N THR C 19 -28.52 35.51 -13.64
CA THR C 19 -28.85 36.86 -13.21
C THR C 19 -28.18 37.19 -11.88
N GLY C 20 -28.04 36.17 -11.04
CA GLY C 20 -27.44 36.35 -9.73
C GLY C 20 -25.93 36.49 -9.69
N TYR C 21 -25.28 36.44 -10.84
CA TYR C 21 -23.82 36.57 -10.87
C TYR C 21 -23.43 37.80 -11.69
N THR C 22 -24.44 38.55 -12.12
CA THR C 22 -24.24 39.76 -12.92
C THR C 22 -23.55 40.83 -12.10
N ASP C 23 -23.21 41.95 -12.74
CA ASP C 23 -22.51 43.03 -12.05
C ASP C 23 -22.20 44.15 -13.05
N GLU C 24 -21.65 45.26 -12.53
CA GLU C 24 -21.30 46.40 -13.38
C GLU C 24 -20.10 46.04 -14.25
N HIS C 25 -18.95 45.85 -13.60
CA HIS C 25 -17.72 45.50 -14.29
C HIS C 25 -17.79 44.02 -14.66
N THR C 26 -18.80 43.64 -15.42
CA THR C 26 -18.93 42.24 -15.81
C THR C 26 -19.37 41.99 -17.25
N LEU C 27 -18.47 41.39 -18.02
CA LEU C 27 -18.72 41.07 -19.42
C LEU C 27 -18.98 39.58 -19.49
N TRP C 28 -19.85 39.17 -20.41
CA TRP C 28 -20.19 37.76 -20.59
C TRP C 28 -19.78 37.22 -21.96
N ILE C 29 -19.27 36.00 -21.99
CA ILE C 29 -18.93 35.40 -23.27
C ILE C 29 -19.60 34.06 -23.31
N GLY C 30 -20.06 33.67 -24.49
CA GLY C 30 -20.74 32.41 -24.65
C GLY C 30 -19.89 31.38 -25.36
N VAL C 31 -20.20 30.11 -25.11
CA VAL C 31 -19.48 29.00 -25.71
C VAL C 31 -20.52 27.92 -26.02
N ASP C 32 -20.56 27.49 -27.28
CA ASP C 32 -21.52 26.46 -27.71
C ASP C 32 -22.92 26.93 -27.37
N LYS C 33 -23.76 25.99 -26.93
CA LYS C 33 -25.14 26.27 -26.55
C LYS C 33 -25.13 27.39 -25.53
N GLY C 34 -24.02 27.47 -24.80
CA GLY C 34 -23.87 28.47 -23.78
C GLY C 34 -24.44 29.83 -24.08
N THR C 35 -24.10 30.39 -25.24
CA THR C 35 -24.61 31.71 -25.57
C THR C 35 -26.14 31.74 -25.56
N VAL C 36 -26.79 30.62 -25.92
CA VAL C 36 -28.25 30.52 -25.89
C VAL C 36 -28.72 30.68 -24.45
N THR C 37 -28.08 29.98 -23.54
CA THR C 37 -28.43 30.04 -22.14
C THR C 37 -28.37 31.50 -21.67
N LEU C 38 -27.38 32.24 -22.16
CA LEU C 38 -27.21 33.64 -21.82
C LEU C 38 -28.46 34.42 -22.19
N LEU C 39 -28.79 34.40 -23.47
CA LEU C 39 -29.98 35.08 -23.95
C LEU C 39 -31.19 34.60 -23.16
N ASP C 40 -31.15 33.35 -22.71
CA ASP C 40 -32.26 32.81 -21.93
C ASP C 40 -32.34 33.57 -20.63
N ALA C 41 -31.19 34.03 -20.17
CA ALA C 41 -31.11 34.79 -18.93
C ALA C 41 -31.37 36.28 -19.15
N GLY C 42 -31.26 36.71 -20.40
CA GLY C 42 -31.47 38.10 -20.72
C GLY C 42 -30.16 38.86 -20.87
N ILE C 43 -29.05 38.13 -20.90
CA ILE C 43 -27.74 38.75 -21.05
C ILE C 43 -27.26 38.66 -22.49
N ILE C 44 -26.52 39.67 -22.92
CA ILE C 44 -25.98 39.70 -24.29
C ILE C 44 -24.48 39.47 -24.18
N PRO C 45 -23.96 38.38 -24.75
CA PRO C 45 -22.52 38.15 -24.67
C PRO C 45 -21.74 39.21 -25.43
N VAL C 46 -20.47 39.36 -25.12
CA VAL C 46 -19.63 40.33 -25.80
C VAL C 46 -18.95 39.66 -27.00
N GLU C 47 -18.73 38.36 -26.88
CA GLU C 47 -18.12 37.56 -27.94
C GLU C 47 -18.65 36.17 -27.70
N ALA C 48 -18.67 35.35 -28.74
CA ALA C 48 -19.16 33.98 -28.60
C ALA C 48 -18.14 33.03 -29.20
N PHE C 49 -18.21 31.77 -28.81
CA PHE C 49 -17.27 30.79 -29.31
C PHE C 49 -17.93 29.45 -29.63
N GLY C 50 -17.39 28.77 -30.65
CA GLY C 50 -17.93 27.48 -31.04
C GLY C 50 -18.66 27.54 -32.36
N ASP C 51 -19.34 26.45 -32.72
CA ASP C 51 -20.09 26.41 -33.95
C ASP C 51 -21.58 26.51 -33.59
N PHE C 52 -22.45 26.01 -34.46
CA PHE C 52 -23.89 26.10 -34.19
C PHE C 52 -24.53 24.71 -34.25
N ASP C 53 -23.71 23.70 -34.49
CA ASP C 53 -24.18 22.32 -34.58
C ASP C 53 -25.07 21.91 -33.42
N SER C 54 -25.11 22.77 -32.39
CA SER C 54 -25.91 22.50 -31.21
C SER C 54 -27.09 23.46 -31.15
N ILE C 55 -27.01 24.53 -31.91
CA ILE C 55 -28.06 25.54 -31.93
C ILE C 55 -29.13 25.24 -32.98
N THR C 56 -30.39 25.24 -32.54
CA THR C 56 -31.48 24.97 -33.46
C THR C 56 -31.76 26.20 -34.30
N GLU C 57 -32.81 26.11 -35.12
CA GLU C 57 -33.21 27.19 -36.00
C GLU C 57 -33.70 28.44 -35.26
N GLN C 58 -34.71 28.28 -34.40
CA GLN C 58 -35.23 29.41 -33.64
C GLN C 58 -34.12 30.08 -32.86
N GLU C 59 -33.29 29.27 -32.22
CA GLU C 59 -32.18 29.77 -31.43
C GLU C 59 -31.22 30.68 -32.22
N ARG C 60 -30.77 30.21 -33.38
CA ARG C 60 -29.85 30.98 -34.22
C ARG C 60 -30.49 32.31 -34.60
N ARG C 61 -31.82 32.32 -34.70
CA ARG C 61 -32.55 33.54 -35.02
C ARG C 61 -32.58 34.50 -33.84
N ARG C 62 -33.01 34.00 -32.68
CA ARG C 62 -33.08 34.83 -31.47
C ARG C 62 -31.77 35.54 -31.24
N ILE C 63 -30.68 34.81 -31.47
CA ILE C 63 -29.32 35.33 -31.32
C ILE C 63 -29.10 36.51 -32.26
N GLU C 64 -29.38 36.29 -33.54
CA GLU C 64 -29.21 37.34 -34.55
C GLU C 64 -30.11 38.52 -34.25
N LYS C 65 -31.24 38.27 -33.59
CA LYS C 65 -32.16 39.35 -33.29
C LYS C 65 -31.74 40.17 -32.08
N ALA C 66 -31.26 39.47 -31.06
CA ALA C 66 -30.84 40.12 -29.82
C ALA C 66 -29.40 40.62 -29.85
N ALA C 67 -28.57 40.04 -30.71
CA ALA C 67 -27.18 40.45 -30.82
C ALA C 67 -26.77 40.48 -32.30
N PRO C 68 -27.44 41.34 -33.08
CA PRO C 68 -27.19 41.48 -34.51
C PRO C 68 -25.71 41.51 -34.86
N ALA C 69 -24.91 42.17 -34.01
CA ALA C 69 -23.49 42.33 -34.28
C ALA C 69 -22.53 41.43 -33.51
N LEU C 70 -23.08 40.35 -32.93
CA LEU C 70 -22.26 39.39 -32.22
C LEU C 70 -21.40 38.61 -33.21
N HIS C 71 -20.09 38.61 -33.00
CA HIS C 71 -19.22 37.84 -33.86
C HIS C 71 -19.00 36.51 -33.16
N VAL C 72 -18.74 35.45 -33.92
CA VAL C 72 -18.52 34.14 -33.35
C VAL C 72 -17.18 33.59 -33.82
N TYR C 73 -16.40 33.06 -32.89
CA TYR C 73 -15.10 32.50 -33.24
C TYR C 73 -15.19 31.00 -33.16
N GLN C 74 -14.57 30.29 -34.10
CA GLN C 74 -14.61 28.84 -34.06
C GLN C 74 -13.21 28.28 -33.86
N ALA C 75 -13.15 27.02 -33.42
CA ALA C 75 -11.91 26.31 -33.16
C ALA C 75 -10.81 26.57 -34.19
N LYS C 77 -10.19 22.98 -33.76
CA LYS C 77 -8.84 22.49 -34.02
C LYS C 77 -8.35 21.68 -32.82
N ASP C 78 -7.09 21.86 -32.46
CA ASP C 78 -6.54 21.16 -31.31
C ASP C 78 -6.94 21.92 -30.05
N GLN C 79 -7.78 22.94 -30.24
CA GLN C 79 -8.28 23.76 -29.13
C GLN C 79 -9.78 23.56 -28.91
N THR C 80 -10.18 23.51 -27.66
CA THR C 80 -11.59 23.37 -27.32
C THR C 80 -12.18 24.77 -27.30
N ASP C 81 -13.45 24.89 -27.66
CA ASP C 81 -14.13 26.17 -27.68
C ASP C 81 -13.94 26.92 -26.35
N LEU C 82 -14.06 26.21 -25.25
CA LEU C 82 -13.91 26.84 -23.94
C LEU C 82 -12.53 27.48 -23.80
N ASP C 83 -11.49 26.71 -24.10
CA ASP C 83 -10.12 27.21 -23.97
C ASP C 83 -9.86 28.44 -24.85
N LEU C 84 -10.47 28.47 -26.03
CA LEU C 84 -10.32 29.61 -26.93
C LEU C 84 -11.02 30.83 -26.31
N ALA C 85 -12.03 30.56 -25.50
CA ALA C 85 -12.76 31.63 -24.84
C ALA C 85 -12.01 32.06 -23.58
N LEU C 86 -11.28 31.12 -22.99
CA LEU C 86 -10.52 31.40 -21.79
C LEU C 86 -9.31 32.28 -22.11
N ASP C 87 -8.68 32.05 -23.25
CA ASP C 87 -7.52 32.86 -23.64
C ASP C 87 -7.91 34.32 -23.83
N TRP C 88 -8.98 34.53 -24.59
CA TRP C 88 -9.52 35.87 -24.87
C TRP C 88 -9.75 36.60 -23.55
N ALA C 89 -10.27 35.87 -22.58
CA ALA C 89 -10.55 36.41 -21.25
C ALA C 89 -9.28 36.64 -20.43
N LEU C 90 -8.29 35.78 -20.60
CA LEU C 90 -7.04 35.92 -19.85
C LEU C 90 -6.18 37.09 -20.35
N GLU C 91 -6.27 37.38 -21.64
CA GLU C 91 -5.49 38.47 -22.22
C GLU C 91 -5.92 39.78 -21.55
N LYS C 92 -7.22 39.91 -21.33
CA LYS C 92 -7.78 41.09 -20.71
C LYS C 92 -7.45 41.14 -19.23
N GLN C 93 -6.85 40.06 -18.74
CA GLN C 93 -6.44 39.95 -17.35
C GLN C 93 -7.36 40.62 -16.35
N PRO C 94 -8.52 40.00 -16.07
CA PRO C 94 -9.48 40.54 -15.11
C PRO C 94 -9.12 40.04 -13.70
N ASP C 95 -9.99 40.29 -12.73
CA ASP C 95 -9.74 39.85 -11.35
C ASP C 95 -10.12 38.37 -11.15
N ILE C 96 -11.28 37.99 -11.68
CA ILE C 96 -11.77 36.61 -11.60
C ILE C 96 -12.37 36.20 -12.93
N ILE C 97 -12.67 34.91 -13.05
CA ILE C 97 -13.28 34.38 -14.25
C ILE C 97 -14.18 33.26 -13.83
N GLN C 98 -15.49 33.50 -13.90
CA GLN C 98 -16.45 32.47 -13.53
C GLN C 98 -16.91 31.73 -14.79
N ILE C 99 -16.90 30.40 -14.73
CA ILE C 99 -17.31 29.58 -15.86
C ILE C 99 -18.53 28.72 -15.53
N PHE C 100 -19.65 28.97 -16.20
CA PHE C 100 -20.88 28.20 -15.98
C PHE C 100 -21.07 27.18 -17.13
N GLY C 101 -22.06 26.30 -16.96
CA GLY C 101 -22.36 25.28 -17.96
C GLY C 101 -21.10 24.48 -18.14
N ILE C 102 -20.53 24.05 -17.03
CA ILE C 102 -19.27 23.33 -17.06
C ILE C 102 -19.29 21.89 -16.52
N THR C 103 -20.49 21.35 -16.32
CA THR C 103 -20.66 19.99 -15.83
C THR C 103 -21.86 19.44 -16.57
N GLY C 104 -21.96 18.12 -16.64
CA GLY C 104 -23.05 17.49 -17.34
C GLY C 104 -22.90 15.97 -17.32
N GLY C 105 -23.13 15.34 -18.47
CA GLY C 105 -23.00 13.90 -18.55
C GLY C 105 -21.58 13.46 -18.80
N ARG C 106 -20.92 14.08 -19.76
CA ARG C 106 -19.54 13.71 -20.10
C ARG C 106 -18.51 14.05 -19.04
N ALA C 107 -17.89 13.02 -18.49
CA ALA C 107 -16.87 13.20 -17.46
C ALA C 107 -15.61 13.82 -18.05
N ASP C 108 -15.26 13.43 -19.27
CA ASP C 108 -14.06 13.99 -19.88
C ASP C 108 -14.15 15.52 -20.06
N HIS C 109 -15.37 16.04 -20.09
CA HIS C 109 -15.52 17.48 -20.24
C HIS C 109 -15.31 18.12 -18.88
N PHE C 110 -15.93 17.54 -17.86
CA PHE C 110 -15.79 18.06 -16.51
C PHE C 110 -14.31 18.07 -16.16
N LEU C 111 -13.64 16.93 -16.32
CA LEU C 111 -12.23 16.84 -15.99
C LEU C 111 -11.43 17.81 -16.84
N GLY C 112 -11.89 18.02 -18.06
CA GLY C 112 -11.21 18.94 -18.95
C GLY C 112 -11.32 20.34 -18.41
N ASN C 113 -12.52 20.67 -17.92
CA ASN C 113 -12.77 21.99 -17.37
C ASN C 113 -11.96 22.25 -16.09
N ILE C 114 -11.70 21.20 -15.33
CA ILE C 114 -10.94 21.31 -14.09
C ILE C 114 -9.51 21.67 -14.48
N GLN C 115 -9.06 21.09 -15.60
CA GLN C 115 -7.71 21.34 -16.11
C GLN C 115 -7.51 22.81 -16.42
N LEU C 116 -8.61 23.50 -16.73
CA LEU C 116 -8.54 24.92 -17.05
C LEU C 116 -8.22 25.73 -15.80
N LEU C 117 -8.52 25.18 -14.64
CA LEU C 117 -8.26 25.88 -13.40
C LEU C 117 -6.75 25.99 -13.16
N TYR C 118 -6.02 24.93 -13.54
CA TYR C 118 -4.57 24.90 -13.39
C TYR C 118 -3.97 26.00 -14.25
N LYS C 119 -4.61 26.23 -15.40
CA LYS C 119 -4.18 27.22 -16.36
C LYS C 119 -4.22 28.61 -15.73
N GLY C 120 -5.26 28.85 -14.93
CA GLY C 120 -5.42 30.13 -14.27
C GLY C 120 -4.40 30.41 -13.19
N VAL C 121 -3.89 29.36 -12.54
CA VAL C 121 -2.89 29.54 -11.49
C VAL C 121 -1.58 29.92 -12.17
N LYS C 122 -1.49 29.57 -13.45
CA LYS C 122 -0.31 29.86 -14.26
C LYS C 122 -0.18 31.36 -14.53
N THR C 123 -1.28 32.08 -14.36
CA THR C 123 -1.31 33.52 -14.64
C THR C 123 -1.89 34.37 -13.52
N ASN C 124 -1.78 33.89 -12.29
CA ASN C 124 -2.30 34.60 -11.13
C ASN C 124 -3.70 35.22 -11.35
N ILE C 125 -4.47 34.64 -12.24
CA ILE C 125 -5.83 35.13 -12.49
C ILE C 125 -6.79 34.08 -11.97
N LYS C 126 -7.65 34.48 -11.04
CA LYS C 126 -8.62 33.56 -10.44
C LYS C 126 -9.62 33.04 -11.46
N ILE C 127 -9.80 31.73 -11.47
CA ILE C 127 -10.76 31.07 -12.34
C ILE C 127 -11.61 30.18 -11.44
N ARG C 128 -12.93 30.34 -11.51
CA ARG C 128 -13.84 29.57 -10.69
C ARG C 128 -14.99 28.96 -11.47
N LEU C 129 -15.19 27.64 -11.31
CA LEU C 129 -16.27 26.94 -12.02
C LEU C 129 -17.53 26.99 -11.15
N ILE C 130 -18.69 27.10 -11.79
CA ILE C 130 -19.94 27.22 -11.03
C ILE C 130 -21.11 26.39 -11.54
N ASP C 131 -21.84 25.79 -10.61
CA ASP C 131 -22.99 24.95 -10.92
C ASP C 131 -24.10 25.26 -9.93
N LYS C 132 -25.26 24.66 -10.15
CA LYS C 132 -26.40 24.86 -9.26
C LYS C 132 -25.92 24.53 -7.84
N GLN C 133 -25.23 23.42 -7.67
CA GLN C 133 -24.76 23.04 -6.35
C GLN C 133 -23.24 23.04 -6.16
N ASN C 134 -22.51 23.75 -7.00
CA ASN C 134 -21.05 23.76 -6.87
C ASN C 134 -20.28 25.01 -7.27
N HIS C 135 -19.17 25.20 -6.59
CA HIS C 135 -18.22 26.29 -6.84
C HIS C 135 -16.89 25.55 -6.73
N ILE C 136 -16.15 25.48 -7.83
CA ILE C 136 -14.87 24.78 -7.82
C ILE C 136 -13.77 25.78 -8.10
N GLN C 137 -12.69 25.72 -7.33
CA GLN C 137 -11.57 26.63 -7.54
C GLN C 137 -10.23 26.06 -7.08
N PHE C 139 -5.97 26.78 -6.00
CA PHE C 139 -5.12 27.77 -5.35
C PHE C 139 -3.69 27.28 -5.26
N PRO C 140 -2.74 28.20 -5.46
CA PRO C 140 -1.30 27.92 -5.38
C PRO C 140 -0.99 28.20 -3.90
N PRO C 141 0.22 27.88 -3.44
CA PRO C 141 0.50 28.17 -2.03
C PRO C 141 0.10 29.58 -1.64
N GLY C 142 -0.26 29.76 -0.37
CA GLY C 142 -0.66 31.06 0.13
C GLY C 142 -1.64 30.90 1.28
N GLU C 143 -2.24 31.99 1.69
CA GLU C 143 -3.23 31.94 2.75
C GLU C 143 -4.47 32.60 2.20
N TYR C 144 -5.63 32.00 2.47
CA TYR C 144 -6.88 32.51 1.94
C TYR C 144 -7.99 32.46 2.95
N ASP C 145 -8.89 33.43 2.82
CA ASP C 145 -10.04 33.55 3.70
C ASP C 145 -11.31 33.23 2.94
N ILE C 146 -12.23 32.51 3.59
CA ILE C 146 -13.51 32.23 2.96
C ILE C 146 -14.56 32.58 3.97
N GLU C 147 -15.78 32.81 3.49
CA GLU C 147 -16.88 33.18 4.36
C GLU C 147 -17.92 32.07 4.29
N LYS C 148 -18.61 31.82 5.39
CA LYS C 148 -19.62 30.77 5.43
C LYS C 148 -20.68 31.07 4.39
N ASP C 149 -20.98 30.07 3.56
CA ASP C 149 -21.99 30.19 2.51
C ASP C 149 -23.24 29.43 2.95
N GLU C 150 -24.22 30.17 3.46
CA GLU C 150 -25.47 29.60 3.96
C GLU C 150 -26.07 28.55 3.03
N ASN C 151 -25.81 28.68 1.74
CA ASN C 151 -26.35 27.76 0.75
C ASN C 151 -25.38 26.66 0.33
N LYS C 152 -24.14 26.77 0.78
CA LYS C 152 -23.13 25.75 0.46
C LYS C 152 -22.35 25.28 1.67
N ARG C 153 -23.06 24.60 2.55
CA ARG C 153 -22.54 24.02 3.77
C ARG C 153 -21.17 23.32 3.65
N TYR C 154 -21.03 22.45 2.66
CA TYR C 154 -19.79 21.69 2.50
C TYR C 154 -18.59 22.41 1.88
N ILE C 155 -17.40 21.94 2.25
CA ILE C 155 -16.16 22.51 1.73
C ILE C 155 -15.07 21.42 1.71
N SER C 156 -14.69 21.00 0.51
CA SER C 156 -13.68 19.95 0.34
C SER C 156 -12.39 20.45 -0.27
N PHE C 157 -11.27 19.83 0.13
CA PHE C 157 -9.94 20.18 -0.41
C PHE C 157 -9.30 18.95 -0.99
N ILE C 158 -8.97 19.01 -2.27
CA ILE C 158 -8.36 17.88 -2.94
C ILE C 158 -7.08 18.33 -3.61
N PRO C 159 -5.99 17.59 -3.41
CA PRO C 159 -4.72 17.97 -4.05
C PRO C 159 -4.86 17.74 -5.55
N PHE C 160 -4.21 18.56 -6.36
CA PHE C 160 -4.31 18.43 -7.79
C PHE C 160 -3.20 17.56 -8.44
N SER C 161 -1.95 18.02 -8.34
CA SER C 161 -0.83 17.28 -8.96
C SER C 161 0.20 16.71 -8.01
N GLU C 162 0.40 17.34 -6.86
CA GLU C 162 1.38 16.85 -5.90
C GLU C 162 0.79 16.88 -4.50
N ASP C 163 1.62 16.53 -3.52
CA ASP C 163 1.16 16.55 -2.13
C ASP C 163 0.97 17.99 -1.70
N ILE C 164 0.21 18.18 -0.64
CA ILE C 164 -0.04 19.50 -0.12
C ILE C 164 0.74 19.62 1.18
N HIS C 165 1.68 20.56 1.22
CA HIS C 165 2.48 20.77 2.41
C HIS C 165 1.93 21.81 3.37
N GLU C 166 2.04 21.48 4.66
CA GLU C 166 1.59 22.35 5.74
C GLU C 166 0.21 22.97 5.57
N LEU C 167 -0.79 22.16 5.23
CA LEU C 167 -2.14 22.68 5.09
C LEU C 167 -2.66 23.00 6.48
N THR C 168 -3.11 24.23 6.65
CA THR C 168 -3.65 24.68 7.93
C THR C 168 -5.07 25.19 7.74
N LEU C 169 -5.93 24.88 8.66
CA LEU C 169 -7.31 25.31 8.54
C LEU C 169 -7.74 25.98 9.81
N THR C 170 -8.61 26.96 9.69
CA THR C 170 -9.08 27.67 10.85
C THR C 170 -10.55 28.00 10.66
N GLY C 171 -11.34 27.80 11.73
CA GLY C 171 -12.75 28.07 11.68
C GLY C 171 -13.49 26.94 11.00
N PHE C 172 -12.92 25.75 11.05
CA PHE C 172 -13.54 24.58 10.42
C PHE C 172 -13.89 23.52 11.46
N LYS C 173 -14.89 22.71 11.11
CA LYS C 173 -15.35 21.61 11.96
C LYS C 173 -14.27 20.55 12.09
N TYR C 174 -13.49 20.37 11.04
CA TYR C 174 -12.40 19.40 11.06
C TYR C 174 -11.06 20.13 10.96
N PRO C 175 -10.62 20.74 12.07
CA PRO C 175 -9.37 21.49 12.19
C PRO C 175 -8.16 20.78 11.61
N LEU C 176 -7.23 21.55 11.08
CA LEU C 176 -6.01 20.99 10.50
C LEU C 176 -4.84 21.96 10.75
N ASN C 177 -3.72 21.46 11.25
CA ASN C 177 -2.59 22.36 11.52
C ASN C 177 -1.24 21.94 10.92
N ASN C 178 -0.87 22.61 9.83
CA ASN C 178 0.39 22.31 9.16
C ASN C 178 0.44 20.82 8.81
N CYS C 179 -0.69 20.32 8.34
CA CYS C 179 -0.77 18.92 7.97
C CYS C 179 -0.24 18.71 6.56
N HIS C 180 0.26 17.51 6.31
CA HIS C 180 0.80 17.15 5.01
C HIS C 180 -0.19 16.24 4.30
N ILE C 181 -0.92 16.77 3.31
CA ILE C 181 -1.91 16.00 2.57
C ILE C 181 -1.33 15.35 1.32
N THR C 182 -1.28 14.02 1.29
CA THR C 182 -0.76 13.29 0.13
C THR C 182 -1.75 13.23 -1.04
N LEU C 183 -1.20 13.17 -2.25
CA LEU C 183 -2.00 13.08 -3.47
C LEU C 183 -2.74 11.75 -3.43
N GLY C 184 -4.07 11.82 -3.57
CA GLY C 184 -4.84 10.60 -3.52
C GLY C 184 -5.55 10.51 -2.19
N SER C 185 -5.33 11.50 -1.35
CA SER C 185 -5.99 11.52 -0.05
C SER C 185 -7.40 12.06 -0.16
N THR C 186 -8.30 11.50 0.63
CA THR C 186 -9.68 11.96 0.64
C THR C 186 -9.93 12.49 2.05
N LEU C 187 -8.87 12.57 2.84
CA LEU C 187 -9.00 13.05 4.20
C LEU C 187 -9.76 14.37 4.32
N CYS C 188 -9.48 15.32 3.43
CA CYS C 188 -10.10 16.64 3.49
C CYS C 188 -11.39 16.86 2.71
N ILE C 189 -12.04 15.79 2.31
CA ILE C 189 -13.30 15.97 1.59
C ILE C 189 -14.44 16.26 2.57
N SER C 190 -15.35 17.12 2.14
CA SER C 190 -16.54 17.57 2.88
C SER C 190 -16.32 18.01 4.32
N ASN C 191 -15.55 19.06 4.47
CA ASN C 191 -15.29 19.66 5.75
C ASN C 191 -16.38 20.71 5.81
N GLU C 192 -16.56 21.35 6.96
CA GLU C 192 -17.56 22.39 7.11
C GLU C 192 -16.92 23.59 7.78
N LEU C 193 -17.64 24.71 7.78
CA LEU C 193 -17.14 25.92 8.39
C LEU C 193 -17.93 26.09 9.69
N ILE C 194 -17.26 26.04 10.85
CA ILE C 194 -18.01 26.20 12.09
C ILE C 194 -18.11 27.65 12.55
N HIS C 195 -17.34 28.53 11.92
CA HIS C 195 -17.39 29.94 12.24
C HIS C 195 -17.92 30.72 11.05
N SER C 196 -18.24 31.99 11.27
CA SER C 196 -18.77 32.85 10.22
C SER C 196 -17.74 33.05 9.12
N ARG C 197 -16.48 32.89 9.49
CA ARG C 197 -15.40 33.08 8.53
C ARG C 197 -14.34 32.04 8.81
N GLY C 198 -13.66 31.59 7.76
CA GLY C 198 -12.62 30.60 7.95
C GLY C 198 -11.39 30.96 7.16
N THR C 199 -10.32 30.17 7.29
CA THR C 199 -9.11 30.45 6.53
C THR C 199 -8.36 29.16 6.31
N PHE C 200 -7.75 29.04 5.14
CA PHE C 200 -6.92 27.90 4.78
C PHE C 200 -5.63 28.41 4.16
N SER C 201 -4.55 27.68 4.39
CA SER C 201 -3.24 28.02 3.85
C SER C 201 -2.41 26.76 3.74
N PHE C 202 -1.40 26.82 2.89
CA PHE C 202 -0.48 25.70 2.69
C PHE C 202 0.76 26.31 2.07
N VAL C 203 1.87 25.58 2.09
CA VAL C 203 3.09 26.16 1.54
C VAL C 203 3.60 25.48 0.30
N LYS C 204 2.98 24.37 -0.06
CA LYS C 204 3.42 23.66 -1.25
C LYS C 204 2.30 22.87 -1.90
N GLY C 205 2.32 22.82 -3.22
CA GLY C 205 1.30 22.11 -3.96
C GLY C 205 0.20 23.03 -4.48
N ILE C 206 -0.74 22.43 -5.18
CA ILE C 206 -1.86 23.16 -5.75
C ILE C 206 -3.13 22.55 -5.16
N LEU C 207 -3.90 23.38 -4.48
CA LEU C 207 -5.11 22.89 -3.84
C LEU C 207 -6.38 23.21 -4.58
N ILE C 208 -7.29 22.24 -4.60
CA ILE C 208 -8.55 22.46 -5.27
C ILE C 208 -9.60 22.59 -4.20
N ILE C 210 -13.67 22.75 -3.47
CA ILE C 210 -15.01 22.54 -3.99
C ILE C 210 -15.96 22.89 -2.88
N ARG C 211 -16.73 23.95 -3.06
CA ARG C 211 -17.73 24.31 -2.07
C ARG C 211 -18.99 23.73 -2.71
N SER C 212 -19.69 22.88 -1.97
CA SER C 212 -20.88 22.24 -2.50
C SER C 212 -22.02 22.16 -1.50
N THR C 213 -23.19 21.76 -2.01
CA THR C 213 -24.38 21.61 -1.19
C THR C 213 -25.06 20.28 -1.50
N ASP C 214 -26.20 20.03 -0.86
CA ASP C 214 -26.93 18.80 -1.08
C ASP C 214 -28.37 19.11 -1.43
N LEU C 215 -29.07 19.73 -0.47
CA LEU C 215 -30.48 20.10 -0.61
C LEU C 215 -31.28 19.00 -1.34
N LYS D 2 10.90 -9.71 38.98
CA LYS D 2 11.59 -11.02 39.05
C LYS D 2 12.00 -11.49 37.64
N THR D 3 13.26 -11.90 37.51
CA THR D 3 13.78 -12.29 36.21
C THR D 3 14.45 -13.65 36.14
N ILE D 4 14.08 -14.45 35.14
CA ILE D 4 14.71 -15.75 34.95
C ILE D 4 15.47 -15.80 33.63
N ASN D 5 16.79 -15.86 33.73
CA ASN D 5 17.68 -15.91 32.59
C ASN D 5 18.04 -17.35 32.26
N ILE D 6 17.90 -17.71 30.98
CA ILE D 6 18.22 -19.06 30.52
C ILE D 6 19.38 -19.04 29.53
N VAL D 7 20.49 -19.66 29.90
CA VAL D 7 21.65 -19.71 29.02
C VAL D 7 21.77 -21.11 28.39
N ALA D 8 21.66 -21.16 27.06
CA ALA D 8 21.78 -22.42 26.32
C ALA D 8 23.24 -22.59 25.88
N GLY D 9 23.52 -23.65 25.12
CA GLY D 9 24.88 -23.95 24.72
C GLY D 9 25.59 -23.26 23.56
N GLY D 10 25.06 -22.11 23.13
CA GLY D 10 25.69 -21.40 22.03
C GLY D 10 27.12 -20.99 22.35
N PRO D 11 27.86 -20.48 21.34
CA PRO D 11 29.24 -20.05 21.55
C PRO D 11 29.33 -18.80 22.44
N LYS D 12 30.28 -18.82 23.34
CA LYS D 12 30.51 -17.71 24.28
C LYS D 12 30.71 -16.35 23.59
N ASN D 13 31.38 -16.36 22.43
CA ASN D 13 31.68 -15.14 21.70
C ASN D 13 30.44 -14.43 21.15
N LEU D 14 29.35 -15.16 21.06
CA LEU D 14 28.12 -14.60 20.55
C LEU D 14 27.17 -14.29 21.70
N ILE D 15 27.65 -14.52 22.92
CA ILE D 15 26.86 -14.28 24.14
C ILE D 15 27.40 -13.03 24.85
N PRO D 16 26.51 -12.09 25.20
CA PRO D 16 27.01 -10.89 25.87
C PRO D 16 27.67 -11.24 27.21
N ASP D 17 28.36 -10.28 27.81
CA ASP D 17 29.01 -10.51 29.09
C ASP D 17 27.95 -10.68 30.16
N LEU D 18 27.66 -11.94 30.49
CA LEU D 18 26.64 -12.30 31.46
C LEU D 18 26.79 -11.62 32.82
N THR D 19 28.02 -11.32 33.21
CA THR D 19 28.26 -10.68 34.51
C THR D 19 27.45 -9.41 34.67
N GLY D 20 27.25 -8.70 33.55
CA GLY D 20 26.50 -7.46 33.59
C GLY D 20 25.01 -7.65 33.82
N TYR D 21 24.53 -8.87 33.62
CA TYR D 21 23.12 -9.21 33.81
C TYR D 21 22.82 -9.78 35.21
N THR D 22 23.87 -10.06 35.97
CA THR D 22 23.69 -10.60 37.32
C THR D 22 22.91 -9.64 38.20
N ASP D 23 21.85 -10.15 38.83
CA ASP D 23 21.02 -9.33 39.69
C ASP D 23 20.39 -10.11 40.82
N GLU D 24 20.06 -9.39 41.89
CA GLU D 24 19.46 -9.97 43.08
C GLU D 24 18.13 -10.67 42.81
N HIS D 25 17.42 -10.24 41.77
CA HIS D 25 16.13 -10.83 41.46
C HIS D 25 16.18 -11.65 40.19
N THR D 26 17.39 -12.02 39.80
CA THR D 26 17.61 -12.80 38.60
C THR D 26 18.07 -14.23 38.87
N LEU D 27 17.28 -15.20 38.41
CA LEU D 27 17.59 -16.61 38.57
C LEU D 27 18.21 -17.09 37.26
N TRP D 28 19.26 -17.88 37.35
CA TRP D 28 19.91 -18.37 36.15
C TRP D 28 19.76 -19.87 35.99
N ILE D 29 19.36 -20.32 34.81
CA ILE D 29 19.25 -21.76 34.58
C ILE D 29 20.02 -22.07 33.32
N GLY D 30 20.69 -23.21 33.32
CA GLY D 30 21.47 -23.58 32.15
C GLY D 30 20.87 -24.69 31.33
N VAL D 31 21.31 -24.75 30.07
CA VAL D 31 20.88 -25.77 29.11
C VAL D 31 22.12 -26.20 28.36
N ASP D 32 22.35 -27.51 28.29
CA ASP D 32 23.52 -28.05 27.63
C ASP D 32 24.75 -27.30 28.13
N LYS D 33 25.76 -27.16 27.28
CA LYS D 33 27.00 -26.48 27.67
C LYS D 33 26.71 -25.11 28.28
N GLY D 34 25.45 -24.69 28.17
CA GLY D 34 25.03 -23.39 28.70
C GLY D 34 25.33 -23.21 30.18
N THR D 35 25.28 -24.30 30.94
CA THR D 35 25.57 -24.21 32.36
C THR D 35 27.08 -24.06 32.50
N VAL D 36 27.81 -24.73 31.63
CA VAL D 36 29.26 -24.66 31.65
C VAL D 36 29.71 -23.21 31.38
N THR D 37 28.95 -22.47 30.55
CA THR D 37 29.28 -21.07 30.26
C THR D 37 28.91 -20.18 31.44
N LEU D 38 27.88 -20.59 32.16
CA LEU D 38 27.45 -19.86 33.35
C LEU D 38 28.56 -20.00 34.39
N LEU D 39 28.89 -21.24 34.72
CA LEU D 39 29.93 -21.51 35.72
C LEU D 39 31.19 -20.68 35.56
N ASP D 40 32.02 -21.01 34.57
CA ASP D 40 33.26 -20.28 34.35
C ASP D 40 33.06 -18.76 34.21
N ALA D 41 31.81 -18.32 34.17
CA ALA D 41 31.51 -16.89 34.09
C ALA D 41 31.39 -16.38 35.52
N GLY D 42 31.19 -17.31 36.44
CA GLY D 42 31.07 -16.96 37.85
C GLY D 42 29.68 -17.16 38.40
N ILE D 43 28.73 -17.52 37.54
CA ILE D 43 27.35 -17.70 37.96
C ILE D 43 26.92 -19.15 38.12
N ILE D 44 26.31 -19.46 39.25
CA ILE D 44 25.83 -20.82 39.50
C ILE D 44 24.34 -20.88 39.16
N PRO D 45 23.94 -21.78 38.24
CA PRO D 45 22.52 -21.90 37.86
C PRO D 45 21.71 -22.51 39.00
N VAL D 46 20.43 -22.17 39.11
CA VAL D 46 19.58 -22.75 40.15
C VAL D 46 19.14 -24.15 39.72
N GLU D 47 19.22 -24.41 38.43
CA GLU D 47 18.84 -25.70 37.85
C GLU D 47 19.47 -25.83 36.45
N ALA D 48 19.65 -27.06 35.99
CA ALA D 48 20.22 -27.28 34.66
C ALA D 48 19.37 -28.26 33.87
N PHE D 49 19.39 -28.12 32.54
CA PHE D 49 18.62 -29.00 31.66
C PHE D 49 19.50 -29.47 30.54
N GLY D 50 19.49 -30.79 30.30
CA GLY D 50 20.30 -31.36 29.24
C GLY D 50 20.82 -32.75 29.52
N ASP D 51 21.75 -33.20 28.67
CA ASP D 51 22.36 -34.51 28.80
C ASP D 51 23.85 -34.30 28.99
N PHE D 52 24.55 -35.33 29.45
CA PHE D 52 25.99 -35.23 29.63
C PHE D 52 26.67 -35.74 28.36
N ASP D 53 25.86 -36.16 27.40
CA ASP D 53 26.37 -36.66 26.13
C ASP D 53 27.37 -35.68 25.51
N SER D 54 27.02 -34.40 25.56
CA SER D 54 27.84 -33.34 24.98
C SER D 54 28.84 -32.67 25.92
N ILE D 55 29.00 -33.19 27.14
CA ILE D 55 29.94 -32.60 28.07
C ILE D 55 31.13 -33.53 28.30
N THR D 56 32.32 -32.92 28.34
CA THR D 56 33.57 -33.64 28.51
C THR D 56 33.89 -33.96 29.97
N GLU D 57 35.07 -34.54 30.21
CA GLU D 57 35.48 -34.85 31.56
C GLU D 57 35.68 -33.55 32.34
N GLN D 58 36.54 -32.67 31.82
CA GLN D 58 36.79 -31.37 32.46
C GLN D 58 35.46 -30.68 32.80
N GLU D 59 34.63 -30.46 31.77
CA GLU D 59 33.33 -29.83 31.98
C GLU D 59 32.54 -30.54 33.08
N ARG D 60 32.47 -31.86 32.99
CA ARG D 60 31.77 -32.63 34.00
C ARG D 60 32.45 -32.41 35.37
N ARG D 61 33.77 -32.26 35.35
CA ARG D 61 34.52 -32.05 36.59
C ARG D 61 34.24 -30.67 37.18
N ARG D 62 34.52 -29.62 36.40
CA ARG D 62 34.28 -28.25 36.86
C ARG D 62 32.86 -28.09 37.37
N ILE D 63 31.94 -28.89 36.83
CA ILE D 63 30.55 -28.81 37.28
C ILE D 63 30.46 -29.26 38.73
N GLU D 64 30.60 -30.56 38.97
CA GLU D 64 30.53 -31.12 40.31
C GLU D 64 31.28 -30.23 41.31
N LYS D 65 32.48 -29.83 40.92
CA LYS D 65 33.35 -29.00 41.75
C LYS D 65 32.81 -27.62 42.13
N ALA D 66 31.85 -27.11 41.37
CA ALA D 66 31.32 -25.79 41.66
C ALA D 66 29.83 -25.80 42.01
N ALA D 67 29.11 -26.74 41.41
CA ALA D 67 27.68 -26.88 41.65
C ALA D 67 27.36 -28.35 41.95
N PRO D 68 27.95 -28.88 43.02
CA PRO D 68 27.76 -30.27 43.44
C PRO D 68 26.32 -30.65 43.72
N ALA D 69 25.53 -29.70 44.22
CA ALA D 69 24.12 -29.98 44.55
C ALA D 69 23.17 -29.65 43.41
N LEU D 70 23.72 -29.23 42.28
CA LEU D 70 22.91 -28.88 41.11
C LEU D 70 22.19 -30.10 40.55
N HIS D 71 20.89 -29.95 40.28
CA HIS D 71 20.13 -31.06 39.71
C HIS D 71 20.07 -30.85 38.20
N VAL D 72 20.13 -31.94 37.45
CA VAL D 72 20.07 -31.85 36.00
C VAL D 72 18.90 -32.65 35.45
N TYR D 73 17.88 -31.92 34.98
CA TYR D 73 16.67 -32.49 34.40
C TYR D 73 16.90 -32.85 32.94
N GLN D 74 16.46 -34.04 32.55
CA GLN D 74 16.60 -34.50 31.16
C GLN D 74 15.33 -34.26 30.37
N ALA D 75 15.48 -33.89 29.10
CA ALA D 75 14.34 -33.65 28.23
C ALA D 75 14.13 -34.84 27.32
N ASP D 78 10.70 -36.23 23.02
CA ASP D 78 9.67 -35.45 22.33
C ASP D 78 9.75 -33.98 22.69
N GLN D 79 10.65 -33.66 23.62
CA GLN D 79 10.84 -32.30 24.08
C GLN D 79 12.34 -32.04 24.19
N THR D 80 12.77 -30.82 23.87
CA THR D 80 14.18 -30.49 23.97
C THR D 80 14.43 -29.81 25.29
N ASP D 81 15.69 -29.42 25.47
CA ASP D 81 16.12 -28.76 26.67
C ASP D 81 15.48 -27.37 26.87
N LEU D 82 15.59 -26.51 25.88
CA LEU D 82 15.03 -25.17 25.97
C LEU D 82 13.52 -25.23 26.13
N ASP D 83 12.91 -26.31 25.65
CA ASP D 83 11.47 -26.52 25.77
C ASP D 83 11.14 -26.70 27.24
N LEU D 84 11.83 -27.66 27.85
CA LEU D 84 11.64 -27.98 29.26
C LEU D 84 11.98 -26.77 30.15
N ALA D 85 13.23 -26.31 30.04
CA ALA D 85 13.70 -25.17 30.81
C ALA D 85 12.77 -23.97 30.70
N LEU D 86 11.97 -23.89 29.64
CA LEU D 86 11.05 -22.77 29.54
C LEU D 86 9.77 -23.08 30.30
N ASP D 87 9.40 -24.35 30.35
CA ASP D 87 8.19 -24.75 31.08
C ASP D 87 8.43 -24.42 32.55
N TRP D 88 9.59 -24.84 33.06
CA TRP D 88 9.98 -24.61 34.44
C TRP D 88 9.95 -23.12 34.71
N ALA D 89 10.66 -22.38 33.85
CA ALA D 89 10.76 -20.93 33.95
C ALA D 89 9.38 -20.30 33.98
N LEU D 90 8.59 -20.55 32.93
CA LEU D 90 7.24 -20.02 32.81
C LEU D 90 6.42 -20.33 34.06
N GLU D 91 6.46 -21.60 34.47
CA GLU D 91 5.76 -22.06 35.64
C GLU D 91 5.94 -21.10 36.83
N LYS D 92 7.19 -20.76 37.12
CA LYS D 92 7.50 -19.84 38.21
C LYS D 92 6.84 -18.46 38.02
N GLN D 93 5.95 -18.35 37.03
CA GLN D 93 5.26 -17.08 36.74
C GLN D 93 6.17 -15.87 36.94
N PRO D 94 7.32 -15.85 36.26
CA PRO D 94 8.28 -14.74 36.37
C PRO D 94 7.74 -13.53 35.63
N ASP D 95 8.35 -12.36 35.84
CA ASP D 95 7.90 -11.17 35.13
C ASP D 95 8.57 -11.15 33.75
N ILE D 96 9.85 -11.50 33.73
CA ILE D 96 10.63 -11.52 32.50
C ILE D 96 11.50 -12.78 32.42
N ILE D 97 11.70 -13.26 31.20
CA ILE D 97 12.55 -14.43 30.94
C ILE D 97 13.51 -14.01 29.83
N GLN D 98 14.81 -14.24 30.05
CA GLN D 98 15.78 -13.87 29.04
C GLN D 98 16.64 -15.05 28.63
N ILE D 99 16.62 -15.34 27.33
CA ILE D 99 17.36 -16.47 26.78
C ILE D 99 18.58 -16.13 25.94
N PHE D 100 19.74 -16.58 26.41
CA PHE D 100 21.04 -16.35 25.75
C PHE D 100 21.60 -17.64 25.12
N GLY D 101 22.67 -17.50 24.33
CA GLY D 101 23.31 -18.64 23.68
C GLY D 101 22.38 -19.54 22.86
N ILE D 102 21.29 -18.97 22.37
CA ILE D 102 20.30 -19.72 21.59
C ILE D 102 20.58 -19.51 20.10
N THR D 103 21.73 -18.91 19.77
CA THR D 103 22.11 -18.68 18.38
C THR D 103 22.30 -20.01 17.64
N GLY D 104 22.66 -19.93 16.36
CA GLY D 104 22.86 -21.14 15.58
C GLY D 104 22.83 -20.94 14.08
N GLY D 105 22.86 -22.05 13.33
CA GLY D 105 22.85 -21.96 11.89
C GLY D 105 21.58 -22.48 11.23
N ARG D 106 20.76 -23.18 12.00
CA ARG D 106 19.51 -23.72 11.47
C ARG D 106 18.42 -22.67 11.57
N ALA D 107 17.74 -22.43 10.46
CA ALA D 107 16.67 -21.46 10.42
C ALA D 107 15.47 -21.93 11.24
N ASP D 108 15.09 -23.18 11.03
CA ASP D 108 13.95 -23.75 11.73
C ASP D 108 14.05 -23.60 13.25
N HIS D 109 15.25 -23.76 13.81
CA HIS D 109 15.39 -23.59 15.24
C HIS D 109 15.08 -22.14 15.56
N PHE D 110 15.59 -21.24 14.71
CA PHE D 110 15.37 -19.81 14.91
C PHE D 110 13.88 -19.45 14.91
N LEU D 111 13.14 -19.79 13.85
CA LEU D 111 11.73 -19.45 13.83
C LEU D 111 11.09 -20.12 15.04
N GLY D 112 11.65 -21.26 15.42
CA GLY D 112 11.13 -21.96 16.58
C GLY D 112 11.18 -21.06 17.79
N ASN D 113 12.32 -20.40 17.98
CA ASN D 113 12.49 -19.51 19.11
C ASN D 113 11.53 -18.31 19.03
N ILE D 114 11.28 -17.82 17.82
CA ILE D 114 10.37 -16.69 17.65
C ILE D 114 9.01 -17.15 18.12
N GLN D 115 8.66 -18.38 17.75
CA GLN D 115 7.38 -18.98 18.15
C GLN D 115 7.26 -18.98 19.66
N LEU D 116 8.41 -19.15 20.33
CA LEU D 116 8.46 -19.16 21.79
C LEU D 116 7.95 -17.84 22.33
N LEU D 117 8.41 -16.75 21.74
CA LEU D 117 8.01 -15.40 22.13
C LEU D 117 6.49 -15.27 22.13
N TYR D 118 5.85 -15.88 21.13
CA TYR D 118 4.40 -15.85 21.00
C TYR D 118 3.79 -16.62 22.18
N LYS D 119 4.41 -17.74 22.50
CA LYS D 119 3.98 -18.59 23.60
C LYS D 119 4.20 -17.82 24.89
N GLY D 120 4.67 -16.58 24.76
CA GLY D 120 4.92 -15.75 25.92
C GLY D 120 3.93 -14.61 26.05
N VAL D 121 3.39 -14.16 24.93
CA VAL D 121 2.41 -13.07 24.94
C VAL D 121 1.10 -13.60 25.46
N LYS D 122 0.80 -14.85 25.13
CA LYS D 122 -0.44 -15.49 25.58
C LYS D 122 -0.35 -15.89 27.04
N THR D 123 0.81 -16.41 27.43
CA THR D 123 1.03 -16.79 28.82
C THR D 123 1.21 -15.51 29.60
N ASN D 124 1.28 -14.40 28.87
CA ASN D 124 1.41 -13.07 29.43
C ASN D 124 2.70 -12.83 30.23
N ILE D 125 3.78 -13.49 29.82
CA ILE D 125 5.07 -13.31 30.47
C ILE D 125 6.00 -12.77 29.39
N LYS D 126 6.88 -11.84 29.75
CA LYS D 126 7.78 -11.25 28.77
C LYS D 126 9.06 -12.04 28.53
N ILE D 127 9.20 -12.56 27.32
CA ILE D 127 10.37 -13.35 26.95
C ILE D 127 11.23 -12.57 25.97
N ARG D 128 12.51 -12.42 26.29
CA ARG D 128 13.42 -11.66 25.44
C ARG D 128 14.62 -12.51 24.97
N LEU D 129 14.70 -12.79 23.67
CA LEU D 129 15.83 -13.58 23.13
C LEU D 129 17.03 -12.64 23.03
N ILE D 130 18.20 -13.09 23.48
CA ILE D 130 19.39 -12.23 23.47
C ILE D 130 20.70 -12.83 22.94
N ASP D 131 21.48 -12.00 22.25
CA ASP D 131 22.77 -12.39 21.71
C ASP D 131 23.59 -11.12 21.49
N LYS D 132 24.89 -11.28 21.25
CA LYS D 132 25.81 -10.17 21.06
C LYS D 132 25.30 -8.93 20.29
N GLN D 133 24.44 -9.12 19.29
CA GLN D 133 23.95 -7.97 18.54
C GLN D 133 22.44 -7.88 18.35
N ASN D 134 21.70 -8.79 18.99
CA ASN D 134 20.26 -8.78 18.84
C ASN D 134 19.47 -9.05 20.11
N HIS D 135 18.35 -8.33 20.22
CA HIS D 135 17.39 -8.46 21.31
C HIS D 135 16.10 -8.64 20.54
N ILE D 136 15.30 -9.63 20.92
CA ILE D 136 14.04 -9.86 20.22
C ILE D 136 12.95 -10.17 21.21
N GLN D 137 11.81 -9.51 21.05
CA GLN D 137 10.65 -9.76 21.90
C GLN D 137 9.37 -9.28 21.23
N PHE D 139 5.15 -7.98 21.65
CA PHE D 139 4.32 -7.13 22.49
C PHE D 139 2.88 -7.17 22.02
N PRO D 140 1.92 -7.30 22.96
CA PRO D 140 0.51 -7.31 22.57
C PRO D 140 0.20 -5.81 22.45
N PRO D 141 -1.04 -5.42 22.09
CA PRO D 141 -1.33 -3.99 21.97
C PRO D 141 -1.00 -3.22 23.25
N GLY D 142 -0.77 -1.92 23.12
CA GLY D 142 -0.44 -1.09 24.27
C GLY D 142 0.57 -0.01 23.93
N GLU D 143 0.92 0.81 24.91
CA GLU D 143 1.89 1.86 24.68
C GLU D 143 3.16 1.52 25.45
N TYR D 144 4.30 1.54 24.76
CA TYR D 144 5.56 1.17 25.38
C TYR D 144 6.66 2.20 25.22
N ASP D 145 7.53 2.26 26.22
CA ASP D 145 8.65 3.19 26.19
C ASP D 145 9.95 2.41 26.08
N ILE D 146 10.92 2.96 25.35
CA ILE D 146 12.23 2.32 25.25
C ILE D 146 13.27 3.44 25.25
N GLU D 147 14.43 3.18 25.84
CA GLU D 147 15.47 4.20 25.89
C GLU D 147 16.57 3.84 24.91
N LYS D 148 17.33 4.84 24.47
CA LYS D 148 18.41 4.64 23.50
C LYS D 148 19.47 3.63 23.92
N ASP D 149 19.73 2.68 23.04
CA ASP D 149 20.74 1.67 23.33
C ASP D 149 22.04 2.08 22.62
N GLU D 150 22.91 2.74 23.36
CA GLU D 150 24.18 3.21 22.83
C GLU D 150 24.92 2.21 21.95
N ASN D 151 24.63 0.93 22.09
CA ASN D 151 25.31 -0.09 21.28
C ASN D 151 24.49 -0.59 20.09
N LYS D 152 23.17 -0.60 20.24
CA LYS D 152 22.28 -1.06 19.17
C LYS D 152 21.47 0.10 18.59
N ARG D 153 21.97 0.64 17.48
CA ARG D 153 21.35 1.75 16.82
C ARG D 153 20.03 1.39 16.15
N TYR D 154 19.94 0.16 15.66
CA TYR D 154 18.75 -0.27 14.92
C TYR D 154 17.59 -0.88 15.69
N ILE D 155 16.39 -0.48 15.30
CA ILE D 155 15.15 -0.97 15.90
C ILE D 155 14.15 -1.37 14.82
N SER D 156 13.82 -2.65 14.74
CA SER D 156 12.87 -3.11 13.73
C SER D 156 11.56 -3.60 14.34
N PHE D 157 10.46 -3.30 13.67
CA PHE D 157 9.14 -3.73 14.10
C PHE D 157 8.65 -4.58 12.96
N ILE D 158 8.14 -5.77 13.26
CA ILE D 158 7.64 -6.68 12.25
C ILE D 158 6.37 -7.32 12.78
N PRO D 159 5.33 -7.40 11.95
CA PRO D 159 4.07 -8.01 12.40
C PRO D 159 4.22 -9.52 12.48
N PHE D 160 3.54 -10.13 13.44
CA PHE D 160 3.60 -11.57 13.61
C PHE D 160 2.39 -12.31 13.01
N SER D 161 1.30 -12.38 13.76
CA SER D 161 0.10 -13.07 13.31
C SER D 161 -0.74 -12.30 12.30
N GLU D 162 -1.28 -11.16 12.73
CA GLU D 162 -2.12 -10.34 11.86
C GLU D 162 -1.46 -9.01 11.48
N ASP D 163 -2.30 -8.06 11.05
CA ASP D 163 -1.86 -6.74 10.68
C ASP D 163 -1.81 -5.86 11.94
N ILE D 164 -0.96 -4.83 11.94
CA ILE D 164 -0.86 -3.95 13.10
C ILE D 164 -1.73 -2.71 12.92
N HIS D 165 -2.69 -2.52 13.81
CA HIS D 165 -3.58 -1.36 13.74
C HIS D 165 -3.09 -0.17 14.56
N GLU D 166 -3.00 0.98 13.92
CA GLU D 166 -2.60 2.23 14.57
C GLU D 166 -1.23 2.31 15.23
N LEU D 167 -0.19 1.86 14.52
CA LEU D 167 1.14 1.94 15.09
C LEU D 167 1.65 3.36 15.06
N THR D 168 1.96 3.90 16.24
CA THR D 168 2.48 5.24 16.36
C THR D 168 3.88 5.15 16.95
N LEU D 169 4.83 5.82 16.31
CA LEU D 169 6.20 5.83 16.81
C LEU D 169 6.58 7.28 17.08
N THR D 170 7.45 7.49 18.06
CA THR D 170 7.86 8.83 18.43
C THR D 170 9.23 8.78 19.05
N GLY D 171 10.17 9.53 18.50
CA GLY D 171 11.52 9.56 19.04
C GLY D 171 12.43 8.78 18.12
N PHE D 172 11.87 8.40 16.99
CA PHE D 172 12.63 7.64 16.01
C PHE D 172 12.97 8.51 14.83
N LYS D 173 13.79 7.95 13.94
CA LYS D 173 14.26 8.60 12.73
C LYS D 173 13.11 8.63 11.74
N TYR D 174 12.39 7.52 11.62
CA TYR D 174 11.24 7.41 10.73
C TYR D 174 9.99 7.37 11.61
N PRO D 175 9.32 8.52 11.75
CA PRO D 175 8.10 8.69 12.54
C PRO D 175 6.90 8.01 11.94
N LEU D 176 6.01 7.53 12.80
CA LEU D 176 4.83 6.83 12.33
C LEU D 176 3.71 7.37 13.19
N ASN D 177 2.51 7.48 12.64
CA ASN D 177 1.43 8.02 13.43
C ASN D 177 0.13 7.39 12.99
N ASN D 178 -0.45 6.57 13.88
CA ASN D 178 -1.69 5.87 13.61
C ASN D 178 -1.62 5.02 12.34
N CYS D 179 -0.41 4.72 11.88
CA CYS D 179 -0.25 3.95 10.66
C CYS D 179 -0.79 2.52 10.76
N HIS D 180 -1.16 1.97 9.61
CA HIS D 180 -1.66 0.61 9.54
C HIS D 180 -0.61 -0.22 8.82
N ILE D 181 0.07 -1.08 9.55
CA ILE D 181 1.11 -1.93 8.99
C ILE D 181 0.58 -3.27 8.51
N THR D 182 0.60 -3.45 7.20
CA THR D 182 0.11 -4.70 6.63
C THR D 182 1.03 -5.87 6.98
N LEU D 183 0.43 -7.03 7.21
CA LEU D 183 1.15 -8.26 7.50
C LEU D 183 2.17 -8.60 6.41
N GLY D 184 3.44 -8.71 6.81
CA GLY D 184 4.48 -9.04 5.84
C GLY D 184 5.19 -7.83 5.30
N SER D 185 4.86 -6.65 5.82
CA SER D 185 5.48 -5.40 5.37
C SER D 185 6.87 -5.26 5.95
N THR D 186 7.77 -4.65 5.19
CA THR D 186 9.15 -4.44 5.63
C THR D 186 9.37 -2.95 5.90
N LEU D 187 8.31 -2.17 5.72
CA LEU D 187 8.35 -0.74 5.94
C LEU D 187 9.00 -0.31 7.27
N CYS D 188 8.68 -1.03 8.33
CA CYS D 188 9.18 -0.66 9.65
C CYS D 188 10.54 -1.21 10.06
N ILE D 189 11.22 -1.90 9.15
CA ILE D 189 12.55 -2.47 9.42
C ILE D 189 13.61 -1.36 9.46
N SER D 190 14.63 -1.53 10.31
CA SER D 190 15.73 -0.57 10.40
C SER D 190 15.37 0.87 10.76
N ASN D 191 14.87 1.07 11.97
CA ASN D 191 14.54 2.42 12.42
C ASN D 191 15.62 2.79 13.42
N GLU D 192 15.52 3.96 14.01
CA GLU D 192 16.53 4.40 14.98
C GLU D 192 15.90 5.37 15.95
N LEU D 193 16.53 5.57 17.09
CA LEU D 193 16.01 6.56 18.02
C LEU D 193 16.81 7.82 17.75
N ILE D 194 16.15 8.96 17.56
CA ILE D 194 16.91 10.20 17.34
C ILE D 194 16.99 10.96 18.66
N HIS D 195 16.25 10.49 19.65
CA HIS D 195 16.26 11.08 20.97
C HIS D 195 16.70 10.04 21.96
N SER D 196 16.69 10.42 23.24
CA SER D 196 17.13 9.53 24.31
C SER D 196 16.10 8.49 24.73
N ARG D 197 14.84 8.87 24.66
CA ARG D 197 13.75 7.96 25.01
C ARG D 197 12.82 7.83 23.82
N GLY D 198 12.14 6.69 23.70
CA GLY D 198 11.24 6.48 22.59
C GLY D 198 9.87 5.96 22.97
N THR D 199 8.94 5.99 22.04
CA THR D 199 7.60 5.52 22.32
C THR D 199 6.92 4.90 21.11
N PHE D 200 6.28 3.75 21.30
CA PHE D 200 5.57 3.09 20.22
C PHE D 200 4.29 2.45 20.76
N SER D 201 3.19 2.67 20.05
CA SER D 201 1.91 2.10 20.44
C SER D 201 1.02 1.67 19.28
N PHE D 202 0.16 0.69 19.55
CA PHE D 202 -0.78 0.13 18.59
C PHE D 202 -1.87 -0.58 19.40
N VAL D 203 -3.06 -0.74 18.83
CA VAL D 203 -4.16 -1.36 19.58
C VAL D 203 -4.66 -2.72 19.13
N LYS D 204 -4.18 -3.21 18.00
CA LYS D 204 -4.59 -4.52 17.53
C LYS D 204 -3.47 -5.20 16.74
N GLY D 205 -3.08 -6.39 17.19
CA GLY D 205 -2.02 -7.12 16.51
C GLY D 205 -0.90 -7.50 17.46
N ILE D 206 -0.01 -8.37 17.01
CA ILE D 206 1.13 -8.82 17.83
C ILE D 206 2.39 -8.36 17.10
N LEU D 207 3.14 -7.45 17.73
CA LEU D 207 4.34 -6.90 17.10
C LEU D 207 5.65 -7.48 17.62
N ILE D 208 6.61 -7.67 16.71
CA ILE D 208 7.92 -8.20 17.07
C ILE D 208 8.90 -7.05 16.99
N ILE D 210 12.92 -5.91 17.11
CA ILE D 210 14.30 -6.36 17.14
C ILE D 210 15.21 -5.16 17.28
N ARG D 211 16.13 -5.24 18.21
CA ARG D 211 17.08 -4.17 18.39
C ARG D 211 18.42 -4.82 18.01
N SER D 212 19.12 -4.19 17.09
CA SER D 212 20.39 -4.75 16.65
C SER D 212 21.44 -3.72 16.31
N THR D 213 22.63 -4.22 16.02
CA THR D 213 23.77 -3.39 15.66
C THR D 213 24.42 -4.07 14.47
N ASP D 214 24.90 -3.26 13.52
CA ASP D 214 25.53 -3.80 12.33
C ASP D 214 26.86 -4.44 12.70
N LEU D 215 27.76 -3.64 13.27
CA LEU D 215 29.06 -4.16 13.68
C LEU D 215 29.88 -4.65 12.47
#